data_3PN8
#
_entry.id   3PN8
#
_cell.length_a   58.890
_cell.length_b   91.038
_cell.length_c   98.563
_cell.angle_alpha   90.00
_cell.angle_beta   98.69
_cell.angle_gamma   90.00
#
_symmetry.space_group_name_H-M   'P 1 21 1'
#
loop_
_entity.id
_entity.type
_entity.pdbx_description
1 polymer 'Putative phospho-beta-glucosidase'
2 non-polymer 'SULFATE ION'
3 non-polymer DI(HYDROXYETHYL)ETHER
4 non-polymer 'FORMIC ACID'
5 water water
#
_entity_poly.entity_id   1
_entity_poly.type   'polypeptide(L)'
_entity_poly.pdbx_seq_one_letter_code
;SNA(MSE)SKLPENFLWGGAVAAHQLEGGWQEGGKGISVADV(MSE)TAGRHGVAREITAGVLEGKYYPNHEAIDFYHHY
KEDVKLFAE(MSE)GFKCFRTSIAWTRIFPKGDEAEPNEAGLQFYDDLFDECLKYGIEPVVTLSHFELPYHLVTEYGGFT
NRKVIDFFVHFAEVCFRRYKDKVKYW(MSE)TFNEINNQANYQEDFAPFTNSGIVYKEGDDREAI(MSE)YQAAHYELVA
SARAVKIGHAINPNLNIGC(MSE)VA(MSE)CPIYPATCNPKDIL(MSE)AQKA(MSE)QKRYYFADVHVHGFYPEHIFK
YWERKAIKVDFTERDKKDLFEGTVDYIGFSYY(MSE)SFVIDAHRENNPYYDYLETEDLVKNPYVKASDWDWQIDPQGLR
YALNWFTD(MSE)YHLPLFIVENGFGAIDQVEADG(MSE)VHDDYRIDYLGAHIKE(MSE)IKAVDEDGVEL(MSE)GYT
PWGCIDLVSAGTGE(MSE)RKRYGFIYVDKDDEGKGTLKRSPKLSFNWYKEVIASNGDDI
;
_entity_poly.pdbx_strand_id   A,B
#
loop_
_chem_comp.id
_chem_comp.type
_chem_comp.name
_chem_comp.formula
FMT non-polymer 'FORMIC ACID' 'C H2 O2'
PEG non-polymer DI(HYDROXYETHYL)ETHER 'C4 H10 O3'
SO4 non-polymer 'SULFATE ION' 'O4 S -2'
#
# COMPACT_ATOMS: atom_id res chain seq x y z
N ALA A 3 21.74 27.44 4.15
CA ALA A 3 22.28 26.42 3.24
C ALA A 3 22.30 25.05 3.92
N MSE A 4 21.14 24.43 4.03
CA MSE A 4 21.06 23.11 4.65
C MSE A 4 21.19 22.01 3.59
O MSE A 4 20.99 22.26 2.40
CB MSE A 4 19.74 22.96 5.41
CG MSE A 4 19.57 23.97 6.53
SE MSE A 4 20.90 23.78 7.93
CE MSE A 4 20.17 22.24 8.82
N SER A 5 21.56 20.81 4.03
CA SER A 5 21.63 19.68 3.13
C SER A 5 20.25 19.06 2.96
N LYS A 6 20.12 18.13 2.02
CA LYS A 6 18.83 17.49 1.77
C LYS A 6 18.43 16.53 2.89
N LEU A 7 19.43 15.97 3.58
CA LEU A 7 19.14 15.16 4.75
C LEU A 7 19.23 16.00 6.02
N PRO A 8 18.55 15.57 7.10
CA PRO A 8 18.62 16.28 8.38
C PRO A 8 20.04 16.20 8.96
N GLU A 9 20.45 17.22 9.72
CA GLU A 9 21.78 17.24 10.32
C GLU A 9 22.06 16.03 11.23
N ASN A 10 21.03 15.57 11.93
CA ASN A 10 21.19 14.46 12.86
C ASN A 10 20.99 13.09 12.20
N PHE A 11 21.06 13.05 10.87
CA PHE A 11 20.85 11.80 10.13
C PHE A 11 21.83 10.74 10.64
N LEU A 12 21.34 9.53 10.90
CA LEU A 12 22.19 8.51 11.52
C LEU A 12 22.98 7.68 10.52
N TRP A 13 24.08 8.25 10.04
CA TRP A 13 25.01 7.50 9.20
C TRP A 13 25.77 6.53 10.07
N GLY A 14 25.96 5.31 9.58
CA GLY A 14 26.77 4.37 10.34
C GLY A 14 27.19 3.16 9.54
N GLY A 15 27.25 2.02 10.21
CA GLY A 15 27.60 0.76 9.57
C GLY A 15 26.97 -0.33 10.40
N ALA A 16 26.71 -1.48 9.77
CA ALA A 16 26.00 -2.56 10.46
C ALA A 16 26.71 -3.90 10.35
N VAL A 17 26.65 -4.65 11.43
CA VAL A 17 27.17 -6.01 11.48
C VAL A 17 26.23 -6.84 12.36
N ALA A 18 26.58 -8.11 12.56
CA ALA A 18 25.89 -8.96 13.52
C ALA A 18 26.94 -9.73 14.31
N ALA A 19 26.69 -9.93 15.60
CA ALA A 19 27.64 -10.60 16.49
C ALA A 19 28.27 -11.87 15.93
N HIS A 20 27.43 -12.84 15.55
CA HIS A 20 27.94 -14.14 15.14
C HIS A 20 28.79 -14.03 13.87
N GLN A 21 28.55 -12.99 13.07
CA GLN A 21 29.30 -12.85 11.83
C GLN A 21 30.71 -12.25 12.01
N LEU A 22 30.99 -11.58 13.14
CA LEU A 22 32.28 -10.92 13.31
C LEU A 22 33.01 -11.16 14.65
N GLU A 23 32.28 -11.44 15.72
CA GLU A 23 32.87 -11.49 17.06
C GLU A 23 33.94 -12.57 17.26
N GLY A 24 33.65 -13.78 16.79
CA GLY A 24 34.47 -14.92 17.17
C GLY A 24 34.33 -15.10 18.67
N GLY A 25 35.36 -15.65 19.31
CA GLY A 25 35.31 -15.93 20.75
C GLY A 25 34.05 -16.70 21.09
N TRP A 26 33.77 -17.73 20.29
CA TRP A 26 32.49 -18.45 20.33
C TRP A 26 32.24 -19.24 21.62
N GLN A 27 33.28 -19.44 22.43
CA GLN A 27 33.10 -20.11 23.71
C GLN A 27 33.65 -19.27 24.86
N GLU A 28 34.04 -18.04 24.54
CA GLU A 28 34.59 -17.11 25.52
C GLU A 28 33.51 -16.60 26.47
N GLY A 29 33.88 -16.42 27.73
CA GLY A 29 32.97 -15.92 28.75
C GLY A 29 31.78 -16.81 29.03
N GLY A 30 31.92 -18.09 28.73
CA GLY A 30 30.84 -19.04 28.93
C GLY A 30 29.72 -18.93 27.90
N LYS A 31 30.02 -18.29 26.77
CA LYS A 31 29.03 -18.17 25.69
C LYS A 31 28.61 -19.56 25.24
N GLY A 32 27.31 -19.73 24.99
CA GLY A 32 26.79 -21.01 24.56
C GLY A 32 26.82 -21.19 23.05
N ILE A 33 26.62 -22.43 22.61
CA ILE A 33 26.59 -22.74 21.18
C ILE A 33 25.32 -22.18 20.56
N SER A 34 25.48 -21.42 19.47
CA SER A 34 24.34 -20.84 18.77
C SER A 34 24.09 -21.58 17.47
N VAL A 35 22.99 -21.25 16.80
CA VAL A 35 22.70 -21.89 15.51
C VAL A 35 23.80 -21.58 14.51
N ALA A 36 24.43 -20.41 14.65
CA ALA A 36 25.51 -20.04 13.73
C ALA A 36 26.75 -20.90 13.95
N ASP A 37 26.85 -21.48 15.14
CA ASP A 37 28.04 -22.25 15.51
C ASP A 37 28.00 -23.68 14.97
N VAL A 38 26.87 -24.07 14.36
CA VAL A 38 26.75 -25.40 13.77
C VAL A 38 26.46 -25.31 12.27
N MSE A 39 26.85 -24.20 11.66
CA MSE A 39 26.71 -24.03 10.22
C MSE A 39 28.06 -23.94 9.54
O MSE A 39 28.83 -23.00 9.78
CB MSE A 39 25.84 -22.82 9.91
CG MSE A 39 24.39 -23.00 10.34
SE MSE A 39 23.33 -21.36 10.22
CE MSE A 39 23.60 -21.01 8.32
N THR A 40 28.35 -24.91 8.67
CA THR A 40 29.64 -24.99 8.01
C THR A 40 29.71 -23.95 6.90
N ALA A 41 30.92 -23.72 6.41
CA ALA A 41 31.12 -22.79 5.30
C ALA A 41 30.62 -23.36 3.99
N GLY A 42 30.14 -22.48 3.11
CA GLY A 42 29.72 -22.86 1.78
C GLY A 42 30.32 -21.92 0.75
N ARG A 43 29.65 -21.78 -0.39
CA ARG A 43 30.03 -20.79 -1.39
C ARG A 43 28.85 -20.63 -2.33
N HIS A 44 28.98 -19.78 -3.35
CA HIS A 44 27.86 -19.55 -4.24
C HIS A 44 27.54 -20.85 -4.95
N GLY A 45 26.33 -21.37 -4.71
CA GLY A 45 25.90 -22.61 -5.33
C GLY A 45 25.85 -23.79 -4.39
N VAL A 46 26.61 -23.75 -3.31
CA VAL A 46 26.55 -24.82 -2.33
C VAL A 46 26.12 -24.32 -0.95
N ALA A 47 25.04 -24.91 -0.45
CA ALA A 47 24.47 -24.53 0.84
C ALA A 47 25.42 -24.85 1.98
N ARG A 48 25.33 -24.05 3.04
CA ARG A 48 26.02 -24.36 4.27
C ARG A 48 25.40 -25.62 4.85
N GLU A 49 26.22 -26.47 5.44
CA GLU A 49 25.70 -27.65 6.11
C GLU A 49 25.31 -27.31 7.55
N ILE A 50 24.09 -27.66 7.92
CA ILE A 50 23.62 -27.47 9.28
C ILE A 50 23.79 -28.77 10.05
N THR A 51 24.84 -28.85 10.84
CA THR A 51 25.17 -30.10 11.53
C THR A 51 24.43 -30.21 12.85
N ALA A 52 24.32 -31.43 13.36
CA ALA A 52 23.59 -31.68 14.60
C ALA A 52 24.45 -31.31 15.81
N GLY A 53 25.43 -30.43 15.58
CA GLY A 53 26.34 -30.02 16.63
C GLY A 53 27.69 -29.69 16.03
N VAL A 54 28.65 -29.36 16.89
CA VAL A 54 29.98 -29.00 16.43
C VAL A 54 30.80 -30.26 16.19
N LEU A 55 31.02 -30.58 14.92
CA LEU A 55 31.70 -31.83 14.54
C LEU A 55 33.20 -31.65 14.34
N GLU A 56 33.92 -32.77 14.35
CA GLU A 56 35.37 -32.76 14.28
C GLU A 56 35.91 -32.52 12.87
N GLY A 57 35.19 -33.01 11.87
CA GLY A 57 35.67 -32.95 10.51
C GLY A 57 35.10 -31.80 9.70
N LYS A 58 34.43 -30.88 10.38
CA LYS A 58 33.70 -29.78 9.72
C LYS A 58 34.35 -28.44 10.01
N TYR A 59 34.18 -27.50 9.08
CA TYR A 59 34.71 -26.15 9.27
C TYR A 59 33.59 -25.15 9.58
N TYR A 60 33.72 -24.48 10.71
CA TYR A 60 32.73 -23.51 11.18
C TYR A 60 33.34 -22.12 11.24
N PRO A 61 33.14 -21.31 10.20
CA PRO A 61 33.80 -20.01 10.08
C PRO A 61 33.38 -19.00 11.15
N ASN A 62 32.21 -19.17 11.74
CA ASN A 62 31.73 -18.25 12.77
C ASN A 62 32.39 -18.47 14.13
N HIS A 63 33.10 -19.58 14.32
CA HIS A 63 33.74 -19.81 15.60
C HIS A 63 34.77 -18.72 15.88
N GLU A 64 35.56 -18.39 14.86
CA GLU A 64 36.61 -17.39 14.98
C GLU A 64 36.28 -16.08 14.27
N ALA A 65 35.52 -16.16 13.19
CA ALA A 65 35.19 -14.98 12.39
C ALA A 65 36.39 -14.06 12.25
N ILE A 66 36.26 -12.78 12.60
CA ILE A 66 37.40 -11.87 12.50
C ILE A 66 37.93 -11.42 13.87
N ASP A 67 37.46 -12.09 14.92
CA ASP A 67 37.94 -11.86 16.28
C ASP A 67 37.68 -10.44 16.82
N PHE A 68 36.54 -9.87 16.43
CA PHE A 68 36.10 -8.56 16.90
C PHE A 68 35.95 -8.57 18.40
N TYR A 69 35.63 -9.73 18.96
CA TYR A 69 35.51 -9.86 20.41
C TYR A 69 36.76 -9.34 21.13
N HIS A 70 37.91 -9.53 20.50
CA HIS A 70 39.18 -9.12 21.10
C HIS A 70 39.72 -7.81 20.52
N HIS A 71 39.35 -7.50 19.28
CA HIS A 71 39.89 -6.33 18.61
C HIS A 71 38.93 -5.14 18.56
N TYR A 72 37.76 -5.28 19.18
CA TYR A 72 36.71 -4.26 19.03
C TYR A 72 37.16 -2.83 19.33
N LYS A 73 38.10 -2.66 20.27
CA LYS A 73 38.55 -1.31 20.58
C LYS A 73 39.24 -0.68 19.37
N GLU A 74 40.03 -1.49 18.66
CA GLU A 74 40.72 -1.01 17.47
C GLU A 74 39.75 -0.82 16.29
N ASP A 75 38.80 -1.74 16.15
CA ASP A 75 37.80 -1.65 15.09
C ASP A 75 36.89 -0.43 15.28
N VAL A 76 36.45 -0.20 16.52
CA VAL A 76 35.59 0.95 16.78
C VAL A 76 36.34 2.24 16.48
N LYS A 77 37.64 2.25 16.74
CA LYS A 77 38.45 3.41 16.44
C LYS A 77 38.38 3.73 14.95
N LEU A 78 38.38 2.69 14.13
CA LEU A 78 38.22 2.85 12.69
C LEU A 78 36.84 3.38 12.30
N PHE A 79 35.80 2.97 13.01
CA PHE A 79 34.45 3.49 12.72
C PHE A 79 34.42 4.98 13.00
N ALA A 80 35.16 5.38 14.02
CA ALA A 80 35.21 6.78 14.45
C ALA A 80 36.00 7.62 13.46
N GLU A 81 37.05 7.04 12.90
CA GLU A 81 37.84 7.70 11.87
CA GLU A 81 37.84 7.70 11.87
C GLU A 81 36.97 8.05 10.67
N MSE A 82 36.07 7.14 10.30
CA MSE A 82 35.11 7.41 9.22
C MSE A 82 34.01 8.35 9.70
O MSE A 82 33.29 8.95 8.88
CB MSE A 82 34.49 6.12 8.69
CG MSE A 82 35.39 5.36 7.71
SE MSE A 82 34.45 3.80 6.99
CE MSE A 82 34.45 2.67 8.58
N GLY A 83 33.86 8.47 11.01
CA GLY A 83 32.91 9.38 11.60
C GLY A 83 31.49 8.83 11.76
N PHE A 84 31.35 7.52 11.94
CA PHE A 84 30.03 6.94 12.20
C PHE A 84 29.27 7.75 13.25
N LYS A 85 27.98 7.97 13.01
CA LYS A 85 27.08 8.57 14.00
C LYS A 85 26.44 7.46 14.83
N CYS A 86 26.43 6.26 14.27
CA CYS A 86 25.85 5.09 14.93
C CYS A 86 26.54 3.81 14.44
N PHE A 87 26.33 2.74 15.18
CA PHE A 87 26.91 1.46 14.85
C PHE A 87 25.88 0.40 15.17
N ARG A 88 25.49 -0.38 14.17
CA ARG A 88 24.49 -1.40 14.39
C ARG A 88 25.12 -2.78 14.56
N THR A 89 24.77 -3.42 15.65
CA THR A 89 25.16 -4.81 15.82
C THR A 89 24.07 -5.54 16.57
N SER A 90 24.29 -6.81 16.84
CA SER A 90 23.34 -7.60 17.63
C SER A 90 23.95 -7.94 18.97
N ILE A 91 23.10 -8.17 19.96
CA ILE A 91 23.56 -8.74 21.22
C ILE A 91 23.45 -10.25 21.09
N ALA A 92 24.58 -10.95 21.19
CA ALA A 92 24.56 -12.39 21.01
C ALA A 92 23.72 -13.01 22.10
N TRP A 93 22.57 -13.52 21.71
CA TRP A 93 21.68 -14.19 22.64
C TRP A 93 22.47 -15.17 23.53
N THR A 94 23.36 -15.94 22.92
CA THR A 94 24.08 -16.99 23.64
C THR A 94 25.14 -16.47 24.63
N ARG A 95 25.48 -15.19 24.56
CA ARG A 95 26.39 -14.61 25.54
C ARG A 95 25.64 -14.23 26.81
N ILE A 96 24.35 -13.94 26.66
CA ILE A 96 23.54 -13.55 27.80
C ILE A 96 22.83 -14.77 28.38
N PHE A 97 22.35 -15.63 27.49
CA PHE A 97 21.71 -16.88 27.90
C PHE A 97 22.22 -18.03 27.03
N PRO A 98 23.36 -18.61 27.44
CA PRO A 98 24.02 -19.70 26.73
C PRO A 98 23.06 -20.80 26.27
N LYS A 99 22.16 -21.23 27.15
CA LYS A 99 21.19 -22.26 26.80
C LYS A 99 19.86 -21.65 26.36
N GLY A 100 19.52 -20.51 26.95
CA GLY A 100 18.30 -19.80 26.62
C GLY A 100 17.23 -19.90 27.69
N ASP A 101 17.30 -20.96 28.50
CA ASP A 101 16.28 -21.17 29.51
C ASP A 101 16.76 -20.97 30.96
N GLU A 102 17.89 -20.30 31.13
CA GLU A 102 18.42 -20.02 32.47
C GLU A 102 17.59 -18.97 33.21
N ALA A 103 17.58 -19.06 34.54
CA ALA A 103 16.83 -18.12 35.36
C ALA A 103 17.55 -16.77 35.42
N GLU A 104 18.87 -16.80 35.38
CA GLU A 104 19.68 -15.60 35.48
C GLU A 104 20.54 -15.43 34.24
N PRO A 105 20.81 -14.16 33.87
CA PRO A 105 21.66 -13.86 32.71
C PRO A 105 23.13 -14.08 33.04
N ASN A 106 23.96 -14.09 32.00
CA ASN A 106 25.39 -14.29 32.13
C ASN A 106 26.13 -12.96 32.24
N GLU A 107 26.73 -12.70 33.39
CA GLU A 107 27.33 -11.40 33.65
C GLU A 107 28.50 -11.08 32.71
N ALA A 108 29.31 -12.08 32.40
CA ALA A 108 30.41 -11.89 31.45
C ALA A 108 29.88 -11.38 30.12
N GLY A 109 28.76 -11.96 29.68
CA GLY A 109 28.13 -11.53 28.43
C GLY A 109 27.61 -10.10 28.51
N LEU A 110 26.94 -9.77 29.61
CA LEU A 110 26.41 -8.42 29.77
C LEU A 110 27.53 -7.39 29.89
N GLN A 111 28.64 -7.80 30.52
CA GLN A 111 29.76 -6.89 30.69
C GLN A 111 30.44 -6.59 29.35
N PHE A 112 30.51 -7.59 28.48
CA PHE A 112 31.14 -7.40 27.17
C PHE A 112 30.43 -6.30 26.38
N TYR A 113 29.10 -6.34 26.36
CA TYR A 113 28.35 -5.32 25.63
C TYR A 113 28.39 -3.95 26.33
N ASP A 114 28.44 -3.95 27.66
CA ASP A 114 28.71 -2.72 28.39
C ASP A 114 30.02 -2.13 27.86
N ASP A 115 31.03 -2.98 27.75
CA ASP A 115 32.34 -2.55 27.28
C ASP A 115 32.28 -2.07 25.83
N LEU A 116 31.63 -2.85 24.97
CA LEU A 116 31.49 -2.47 23.56
C LEU A 116 30.72 -1.16 23.39
N PHE A 117 29.55 -1.07 24.02
CA PHE A 117 28.73 0.13 23.90
C PHE A 117 29.44 1.36 24.49
N ASP A 118 30.12 1.19 25.62
CA ASP A 118 30.89 2.29 26.19
C ASP A 118 31.93 2.81 25.21
N GLU A 119 32.58 1.90 24.49
CA GLU A 119 33.64 2.28 23.55
C GLU A 119 33.08 3.10 22.40
N CYS A 120 31.94 2.66 21.88
CA CYS A 120 31.23 3.41 20.84
C CYS A 120 30.90 4.80 21.32
N LEU A 121 30.30 4.88 22.50
CA LEU A 121 29.87 6.14 23.06
C LEU A 121 31.04 7.08 23.37
N LYS A 122 32.23 6.52 23.62
CA LYS A 122 33.44 7.32 23.81
C LYS A 122 33.68 8.22 22.59
N TYR A 123 33.33 7.71 21.41
CA TYR A 123 33.51 8.46 20.16
C TYR A 123 32.22 9.10 19.65
N GLY A 124 31.19 9.13 20.47
CA GLY A 124 29.90 9.68 20.07
C GLY A 124 29.16 8.83 19.05
N ILE A 125 29.44 7.54 19.03
CA ILE A 125 28.74 6.61 18.15
C ILE A 125 27.62 5.95 18.92
N GLU A 126 26.37 6.20 18.50
CA GLU A 126 25.18 5.63 19.14
C GLU A 126 25.00 4.17 18.74
N PRO A 127 24.96 3.26 19.73
CA PRO A 127 24.67 1.87 19.38
C PRO A 127 23.23 1.71 18.85
N VAL A 128 23.09 0.82 17.89
CA VAL A 128 21.78 0.39 17.40
C VAL A 128 21.82 -1.13 17.53
N VAL A 129 20.87 -1.68 18.29
CA VAL A 129 20.94 -3.09 18.67
C VAL A 129 19.79 -3.95 18.15
N THR A 130 20.13 -5.03 17.45
CA THR A 130 19.17 -6.05 17.06
C THR A 130 19.24 -7.18 18.09
N LEU A 131 18.09 -7.58 18.61
CA LEU A 131 18.07 -8.56 19.70
C LEU A 131 18.30 -9.98 19.22
N SER A 132 17.64 -10.36 18.13
CA SER A 132 17.85 -11.67 17.53
C SER A 132 18.34 -11.54 16.08
N HIS A 133 19.57 -11.98 15.83
CA HIS A 133 20.15 -11.89 14.49
C HIS A 133 20.81 -13.21 14.10
N PHE A 134 19.97 -14.17 13.66
CA PHE A 134 20.41 -15.47 13.18
C PHE A 134 21.37 -16.19 14.15
N GLU A 135 21.12 -16.13 15.46
CA GLU A 135 22.10 -16.69 16.39
C GLU A 135 21.47 -17.14 17.70
N LEU A 136 20.28 -17.71 17.64
CA LEU A 136 19.62 -18.16 18.85
C LEU A 136 20.33 -19.38 19.43
N PRO A 137 20.16 -19.62 20.74
CA PRO A 137 20.86 -20.74 21.38
C PRO A 137 20.48 -22.08 20.75
N TYR A 138 21.48 -22.85 20.34
CA TYR A 138 21.22 -24.14 19.74
C TYR A 138 20.50 -25.06 20.74
N HIS A 139 20.75 -24.84 22.02
CA HIS A 139 20.06 -25.60 23.07
C HIS A 139 18.53 -25.46 22.94
N LEU A 140 18.08 -24.26 22.58
CA LEU A 140 16.66 -24.04 22.36
C LEU A 140 16.14 -24.85 21.18
N VAL A 141 16.98 -25.05 20.17
CA VAL A 141 16.61 -25.86 19.02
C VAL A 141 16.42 -27.33 19.42
N THR A 142 17.40 -27.90 20.10
CA THR A 142 17.34 -29.31 20.47
C THR A 142 16.34 -29.63 21.59
N GLU A 143 16.21 -28.73 22.56
CA GLU A 143 15.36 -28.97 23.73
C GLU A 143 13.89 -28.63 23.52
N TYR A 144 13.61 -27.58 22.77
CA TYR A 144 12.25 -27.08 22.63
C TYR A 144 11.77 -27.05 21.20
N GLY A 145 12.69 -27.22 20.26
CA GLY A 145 12.34 -27.13 18.84
C GLY A 145 12.32 -25.69 18.36
N GLY A 146 13.19 -24.87 18.92
CA GLY A 146 13.28 -23.48 18.51
C GLY A 146 12.00 -22.72 18.73
N PHE A 147 11.71 -21.78 17.83
CA PHE A 147 10.52 -20.96 17.98
C PHE A 147 9.24 -21.65 17.51
N THR A 148 9.29 -22.97 17.33
CA THR A 148 8.07 -23.74 17.13
C THR A 148 7.41 -24.02 18.47
N ASN A 149 8.04 -23.58 19.55
CA ASN A 149 7.52 -23.80 20.90
C ASN A 149 7.14 -22.50 21.60
N ARG A 150 5.90 -22.42 22.06
CA ARG A 150 5.40 -21.21 22.71
C ARG A 150 6.23 -20.79 23.92
N LYS A 151 6.86 -21.76 24.57
CA LYS A 151 7.66 -21.49 25.77
C LYS A 151 8.86 -20.61 25.43
N VAL A 152 9.28 -20.65 24.17
CA VAL A 152 10.44 -19.90 23.72
C VAL A 152 10.14 -18.40 23.65
N ILE A 153 8.87 -18.06 23.52
CA ILE A 153 8.48 -16.66 23.55
C ILE A 153 8.99 -16.01 24.84
N ASP A 154 8.65 -16.65 25.97
CA ASP A 154 9.06 -16.14 27.27
C ASP A 154 10.57 -16.06 27.40
N PHE A 155 11.29 -17.04 26.86
CA PHE A 155 12.73 -17.02 26.92
C PHE A 155 13.27 -15.79 26.19
N PHE A 156 12.67 -15.49 25.05
CA PHE A 156 13.12 -14.33 24.29
C PHE A 156 12.82 -13.04 25.03
N VAL A 157 11.61 -12.93 25.58
CA VAL A 157 11.19 -11.70 26.26
C VAL A 157 12.02 -11.47 27.54
N HIS A 158 12.47 -12.56 28.16
CA HIS A 158 13.34 -12.48 29.34
C HIS A 158 14.68 -11.91 28.93
N PHE A 159 15.23 -12.48 27.86
CA PHE A 159 16.44 -11.99 27.24
C PHE A 159 16.31 -10.50 26.88
N ALA A 160 15.23 -10.13 26.21
CA ALA A 160 15.01 -8.72 25.86
C ALA A 160 14.95 -7.81 27.08
N GLU A 161 14.15 -8.19 28.06
CA GLU A 161 14.02 -7.39 29.27
C GLU A 161 15.38 -7.16 29.93
N VAL A 162 16.19 -8.21 30.03
CA VAL A 162 17.52 -8.11 30.62
C VAL A 162 18.37 -7.08 29.89
N CYS A 163 18.38 -7.17 28.57
CA CYS A 163 19.05 -6.17 27.76
C CYS A 163 18.51 -4.75 27.93
N PHE A 164 17.20 -4.58 27.88
CA PHE A 164 16.58 -3.27 28.06
C PHE A 164 16.99 -2.66 29.41
N ARG A 165 16.88 -3.44 30.48
CA ARG A 165 17.29 -2.97 31.80
C ARG A 165 18.77 -2.59 31.86
N ARG A 166 19.63 -3.44 31.32
CA ARG A 166 21.08 -3.23 31.44
C ARG A 166 21.55 -2.00 30.64
N TYR A 167 20.98 -1.80 29.46
CA TYR A 167 21.45 -0.80 28.52
C TYR A 167 20.45 0.33 28.29
N LYS A 168 19.51 0.50 29.22
CA LYS A 168 18.44 1.47 29.04
C LYS A 168 18.93 2.90 28.89
N ASP A 169 20.13 3.17 29.40
CA ASP A 169 20.70 4.51 29.32
C ASP A 169 21.87 4.58 28.34
N LYS A 170 22.10 3.50 27.60
CA LYS A 170 23.22 3.45 26.66
C LYS A 170 22.80 3.21 25.22
N VAL A 171 21.64 2.58 25.01
CA VAL A 171 21.20 2.22 23.68
C VAL A 171 19.84 2.83 23.43
N LYS A 172 19.75 3.71 22.43
CA LYS A 172 18.49 4.39 22.12
C LYS A 172 17.63 3.70 21.08
N TYR A 173 18.27 2.90 20.24
CA TYR A 173 17.62 2.31 19.07
C TYR A 173 17.74 0.79 19.11
N TRP A 174 16.59 0.13 19.05
CA TRP A 174 16.52 -1.32 19.19
C TRP A 174 15.67 -1.89 18.09
N MSE A 175 15.92 -3.13 17.71
CA MSE A 175 15.00 -3.90 16.87
C MSE A 175 14.90 -5.32 17.42
O MSE A 175 15.82 -5.79 18.08
CB MSE A 175 15.48 -3.95 15.42
CG MSE A 175 15.27 -2.66 14.64
SE MSE A 175 16.45 -2.59 13.07
CE MSE A 175 18.11 -2.03 13.94
N THR A 176 13.81 -6.01 17.10
CA THR A 176 13.56 -7.32 17.70
C THR A 176 14.13 -8.49 16.87
N PHE A 177 13.51 -8.80 15.74
CA PHE A 177 13.93 -9.96 14.95
C PHE A 177 14.49 -9.58 13.60
N ASN A 178 15.78 -9.83 13.40
CA ASN A 178 16.41 -9.54 12.11
C ASN A 178 15.70 -10.21 10.95
N GLU A 179 15.40 -9.43 9.91
CA GLU A 179 14.81 -9.99 8.68
C GLU A 179 13.81 -11.10 8.95
N ILE A 180 12.84 -10.81 9.81
CA ILE A 180 11.90 -11.81 10.26
C ILE A 180 11.17 -12.51 9.11
N ASN A 181 11.04 -11.82 7.98
CA ASN A 181 10.26 -12.33 6.85
C ASN A 181 11.03 -13.26 5.89
N ASN A 182 12.32 -13.44 6.11
CA ASN A 182 13.11 -14.31 5.24
C ASN A 182 12.46 -15.68 5.11
N GLN A 183 11.88 -16.16 6.21
CA GLN A 183 11.28 -17.49 6.23
C GLN A 183 10.01 -17.61 5.39
N ALA A 184 9.54 -16.50 4.80
CA ALA A 184 8.51 -16.62 3.77
C ALA A 184 8.98 -17.64 2.73
N ASN A 185 10.30 -17.76 2.56
CA ASN A 185 10.89 -18.86 1.80
C ASN A 185 11.14 -20.05 2.72
N TYR A 186 10.13 -20.91 2.81
CA TYR A 186 10.17 -22.07 3.69
C TYR A 186 10.64 -23.30 2.92
N GLN A 187 10.82 -23.16 1.61
CA GLN A 187 11.18 -24.28 0.75
C GLN A 187 12.62 -24.70 0.97
N GLU A 188 13.46 -23.76 1.41
CA GLU A 188 14.86 -24.07 1.72
C GLU A 188 15.11 -24.04 3.22
N ASP A 189 16.23 -24.61 3.64
CA ASP A 189 16.48 -24.76 5.07
C ASP A 189 17.01 -23.50 5.78
N PHE A 190 17.71 -22.64 5.05
CA PHE A 190 18.40 -21.50 5.67
C PHE A 190 17.51 -20.59 6.53
N ALA A 191 16.45 -20.06 5.93
CA ALA A 191 15.63 -19.07 6.63
C ALA A 191 14.95 -19.64 7.87
N PRO A 192 14.26 -20.78 7.73
CA PRO A 192 13.61 -21.38 8.90
C PRO A 192 14.60 -21.74 10.01
N PHE A 193 15.83 -22.09 9.67
CA PHE A 193 16.82 -22.39 10.70
C PHE A 193 17.33 -21.12 11.39
N THR A 194 17.67 -20.11 10.59
CA THR A 194 18.25 -18.90 11.13
C THR A 194 17.24 -17.94 11.75
N ASN A 195 16.07 -17.79 11.13
CA ASN A 195 15.02 -16.95 11.74
C ASN A 195 14.47 -17.59 13.01
N SER A 196 14.31 -18.91 12.99
CA SER A 196 13.41 -19.56 13.93
C SER A 196 13.92 -20.83 14.63
N GLY A 197 15.12 -21.27 14.30
CA GLY A 197 15.65 -22.47 14.95
C GLY A 197 14.84 -23.71 14.58
N ILE A 198 14.25 -23.69 13.39
CA ILE A 198 13.49 -24.82 12.87
C ILE A 198 14.38 -25.82 12.16
N VAL A 199 14.41 -27.05 12.65
CA VAL A 199 15.06 -28.15 11.95
C VAL A 199 13.98 -29.08 11.44
N TYR A 200 13.86 -29.20 10.12
CA TYR A 200 12.80 -30.01 9.54
C TYR A 200 13.17 -31.49 9.46
N LYS A 201 12.18 -32.34 9.66
CA LYS A 201 12.35 -33.77 9.43
C LYS A 201 11.48 -34.19 8.24
N GLU A 202 11.67 -35.41 7.77
CA GLU A 202 10.90 -35.90 6.62
C GLU A 202 9.41 -35.94 6.94
N GLY A 203 8.60 -35.49 5.98
CA GLY A 203 7.15 -35.48 6.14
C GLY A 203 6.59 -34.21 6.75
N ASP A 204 7.47 -33.34 7.22
CA ASP A 204 7.05 -32.08 7.82
C ASP A 204 6.29 -31.19 6.86
N ASP A 205 5.22 -30.58 7.35
CA ASP A 205 4.52 -29.53 6.62
C ASP A 205 5.33 -28.25 6.83
N ARG A 206 6.29 -28.00 5.96
CA ARG A 206 7.27 -26.94 6.17
C ARG A 206 6.61 -25.58 6.30
N GLU A 207 5.60 -25.35 5.46
CA GLU A 207 4.91 -24.07 5.46
C GLU A 207 4.12 -23.83 6.75
N ALA A 208 3.37 -24.84 7.20
CA ALA A 208 2.59 -24.71 8.43
C ALA A 208 3.47 -24.42 9.63
N ILE A 209 4.60 -25.13 9.71
CA ILE A 209 5.53 -24.95 10.82
C ILE A 209 6.09 -23.54 10.82
N MSE A 210 6.44 -23.04 9.63
CA MSE A 210 6.98 -21.69 9.51
C MSE A 210 5.99 -20.65 10.05
O MSE A 210 6.38 -19.79 10.81
CB MSE A 210 7.36 -21.37 8.06
CG MSE A 210 7.95 -19.96 7.88
SE MSE A 210 6.60 -18.53 7.70
CE MSE A 210 5.79 -19.13 6.03
N TYR A 211 4.73 -20.76 9.64
CA TYR A 211 3.73 -19.78 10.07
C TYR A 211 3.53 -19.81 11.58
N GLN A 212 3.66 -20.99 12.19
CA GLN A 212 3.54 -21.08 13.63
C GLN A 212 4.71 -20.38 14.33
N ALA A 213 5.92 -20.61 13.83
CA ALA A 213 7.10 -19.99 14.42
C ALA A 213 7.08 -18.49 14.19
N ALA A 214 6.74 -18.07 12.97
CA ALA A 214 6.59 -16.63 12.69
C ALA A 214 5.59 -16.01 13.66
N HIS A 215 4.47 -16.69 13.91
CA HIS A 215 3.47 -16.16 14.83
C HIS A 215 4.05 -15.93 16.23
N TYR A 216 4.69 -16.96 16.76
CA TYR A 216 5.31 -16.85 18.08
C TYR A 216 6.30 -15.71 18.13
N GLU A 217 7.06 -15.51 17.04
CA GLU A 217 8.05 -14.44 17.02
C GLU A 217 7.40 -13.08 16.98
N LEU A 218 6.29 -12.97 16.24
CA LEU A 218 5.58 -11.71 16.21
CA LEU A 218 5.53 -11.72 16.20
C LEU A 218 5.00 -11.39 17.59
N VAL A 219 4.50 -12.41 18.29
CA VAL A 219 4.00 -12.20 19.63
C VAL A 219 5.15 -11.81 20.57
N ALA A 220 6.27 -12.52 20.44
CA ALA A 220 7.46 -12.23 21.24
C ALA A 220 7.97 -10.82 21.00
N SER A 221 7.98 -10.40 19.73
CA SER A 221 8.36 -9.03 19.39
C SER A 221 7.46 -8.00 20.08
N ALA A 222 6.15 -8.23 20.01
CA ALA A 222 5.18 -7.32 20.62
C ALA A 222 5.37 -7.25 22.12
N ARG A 223 5.57 -8.40 22.75
CA ARG A 223 5.81 -8.44 24.19
CA ARG A 223 5.79 -8.43 24.19
C ARG A 223 7.11 -7.73 24.56
N ALA A 224 8.12 -7.88 23.71
CA ALA A 224 9.39 -7.22 23.92
C ALA A 224 9.25 -5.70 23.77
N VAL A 225 8.48 -5.26 22.79
CA VAL A 225 8.22 -3.81 22.63
C VAL A 225 7.59 -3.25 23.90
N LYS A 226 6.61 -3.97 24.45
CA LYS A 226 5.89 -3.48 25.63
C LYS A 226 6.80 -3.40 26.85
N ILE A 227 7.64 -4.40 27.07
CA ILE A 227 8.50 -4.35 28.27
C ILE A 227 9.60 -3.30 28.12
N GLY A 228 10.12 -3.16 26.92
CA GLY A 228 11.14 -2.16 26.66
C GLY A 228 10.62 -0.77 26.93
N HIS A 229 9.43 -0.46 26.40
CA HIS A 229 8.84 0.85 26.63
C HIS A 229 8.48 1.06 28.11
N ALA A 230 8.07 0.00 28.79
CA ALA A 230 7.72 0.12 30.22
C ALA A 230 8.95 0.48 31.02
N ILE A 231 10.08 -0.09 30.66
CA ILE A 231 11.35 0.20 31.33
C ILE A 231 11.81 1.64 31.04
N ASN A 232 11.71 2.05 29.78
CA ASN A 232 12.11 3.39 29.37
C ASN A 232 11.32 3.79 28.15
N PRO A 233 10.30 4.65 28.33
CA PRO A 233 9.37 5.04 27.27
C PRO A 233 10.05 5.75 26.09
N ASN A 234 11.29 6.19 26.30
CA ASN A 234 12.01 6.92 25.28
C ASN A 234 12.73 5.99 24.31
N LEU A 235 12.81 4.71 24.64
CA LEU A 235 13.48 3.77 23.75
C LEU A 235 12.75 3.67 22.41
N ASN A 236 13.51 3.72 21.32
CA ASN A 236 12.95 3.52 19.99
C ASN A 236 13.10 2.06 19.62
N ILE A 237 11.98 1.36 19.47
CA ILE A 237 12.03 -0.05 19.24
C ILE A 237 11.33 -0.41 17.94
N GLY A 238 12.09 -0.94 16.99
CA GLY A 238 11.54 -1.17 15.67
C GLY A 238 11.49 -2.63 15.26
N CYS A 239 10.93 -2.90 14.10
CA CYS A 239 10.99 -4.24 13.54
C CYS A 239 12.13 -4.26 12.53
N MSE A 240 12.40 -5.42 11.95
CA MSE A 240 13.43 -5.49 10.93
C MSE A 240 12.92 -6.41 9.83
O MSE A 240 12.74 -7.60 10.05
CB MSE A 240 14.72 -6.04 11.53
CG MSE A 240 15.98 -5.64 10.76
SE MSE A 240 15.94 -6.17 8.87
CE MSE A 240 17.86 -6.16 8.53
N VAL A 241 12.67 -5.85 8.66
CA VAL A 241 12.25 -6.68 7.53
CA VAL A 241 12.19 -6.60 7.50
C VAL A 241 13.23 -6.57 6.38
N ALA A 242 13.42 -7.71 5.71
CA ALA A 242 14.25 -7.77 4.51
C ALA A 242 13.38 -7.29 3.36
N MSE A 243 13.66 -6.11 2.84
CA MSE A 243 12.84 -5.54 1.77
C MSE A 243 13.41 -5.83 0.38
O MSE A 243 14.35 -5.19 -0.06
CB MSE A 243 12.62 -4.03 1.97
CG MSE A 243 11.86 -3.34 0.83
SE MSE A 243 10.23 -4.28 0.25
CE MSE A 243 9.29 -4.36 1.93
N CYS A 244 12.85 -6.85 -0.27
CA CYS A 244 13.09 -7.13 -1.67
C CYS A 244 11.79 -6.84 -2.41
N PRO A 245 11.67 -5.66 -3.02
CA PRO A 245 10.46 -5.33 -3.76
C PRO A 245 10.20 -6.37 -4.84
N ILE A 246 8.95 -6.74 -5.04
CA ILE A 246 8.61 -7.75 -6.05
C ILE A 246 7.83 -7.10 -7.17
N TYR A 247 8.48 -6.95 -8.32
CA TYR A 247 7.85 -6.30 -9.48
C TYR A 247 7.09 -7.32 -10.33
N PRO A 248 5.96 -6.91 -10.89
CA PRO A 248 5.33 -7.77 -11.90
C PRO A 248 6.20 -7.75 -13.15
N ALA A 249 6.35 -8.88 -13.84
CA ALA A 249 7.23 -8.92 -15.01
C ALA A 249 6.70 -8.01 -16.13
N THR A 250 5.37 -7.99 -16.29
CA THR A 250 4.70 -7.25 -17.34
C THR A 250 3.39 -6.69 -16.80
N CYS A 251 2.66 -5.97 -17.65
CA CYS A 251 1.37 -5.42 -17.27
C CYS A 251 0.20 -6.39 -17.52
N ASN A 252 0.52 -7.65 -17.80
CA ASN A 252 -0.50 -8.70 -17.83
C ASN A 252 -1.16 -8.73 -16.44
N PRO A 253 -2.50 -8.56 -16.37
CA PRO A 253 -3.15 -8.54 -15.06
C PRO A 253 -2.78 -9.72 -14.15
N LYS A 254 -2.52 -10.89 -14.74
CA LYS A 254 -2.10 -12.02 -13.92
C LYS A 254 -0.73 -11.82 -13.27
N ASP A 255 0.21 -11.18 -13.96
CA ASP A 255 1.50 -10.88 -13.34
C ASP A 255 1.30 -9.87 -12.21
N ILE A 256 0.44 -8.89 -12.47
CA ILE A 256 0.13 -7.84 -11.50
C ILE A 256 -0.38 -8.46 -10.21
N LEU A 257 -1.34 -9.38 -10.32
CA LEU A 257 -1.91 -10.02 -9.15
C LEU A 257 -0.87 -10.90 -8.45
N MSE A 258 -0.03 -11.59 -9.22
CA MSE A 258 1.01 -12.41 -8.61
C MSE A 258 1.92 -11.56 -7.72
O MSE A 258 2.26 -11.97 -6.62
CB MSE A 258 1.85 -13.15 -9.67
CG MSE A 258 1.17 -14.42 -10.20
SE MSE A 258 1.02 -15.77 -8.80
CE MSE A 258 2.89 -16.15 -8.47
N ALA A 259 2.29 -10.39 -8.21
CA ALA A 259 3.20 -9.51 -7.46
C ALA A 259 2.52 -8.97 -6.21
N GLN A 260 1.26 -8.56 -6.34
CA GLN A 260 0.52 -8.06 -5.19
C GLN A 260 0.38 -9.14 -4.14
N LYS A 261 0.00 -10.34 -4.56
CA LYS A 261 -0.15 -11.43 -3.62
C LYS A 261 1.18 -11.90 -3.02
N ALA A 262 2.24 -11.85 -3.82
CA ALA A 262 3.57 -12.19 -3.30
C ALA A 262 4.04 -11.22 -2.22
N MSE A 263 3.84 -9.93 -2.45
CA MSE A 263 4.22 -8.94 -1.44
C MSE A 263 3.36 -9.10 -0.20
O MSE A 263 3.84 -8.94 0.92
CB MSE A 263 4.18 -7.54 -2.02
CG MSE A 263 5.23 -7.36 -3.10
SE MSE A 263 5.89 -5.55 -3.41
CE MSE A 263 6.39 -5.00 -1.59
N GLN A 264 2.07 -9.42 -0.39
CA GLN A 264 1.24 -9.73 0.75
C GLN A 264 1.86 -10.84 1.62
N LYS A 265 2.32 -11.91 0.98
CA LYS A 265 2.85 -13.04 1.72
C LYS A 265 4.20 -12.74 2.33
N ARG A 266 5.00 -11.97 1.61
CA ARG A 266 6.37 -11.74 2.08
C ARG A 266 6.43 -10.61 3.11
N TYR A 267 5.38 -9.78 3.16
CA TYR A 267 5.43 -8.61 4.05
C TYR A 267 4.32 -8.51 5.09
N TYR A 268 3.50 -9.55 5.21
CA TYR A 268 2.42 -9.54 6.21
C TYR A 268 3.01 -9.33 7.60
N PHE A 269 4.27 -9.77 7.76
CA PHE A 269 4.99 -9.59 9.02
C PHE A 269 4.97 -8.11 9.40
N ALA A 270 5.24 -7.27 8.41
CA ALA A 270 5.23 -5.82 8.66
C ALA A 270 3.84 -5.32 9.05
N ASP A 271 2.80 -5.82 8.39
CA ASP A 271 1.44 -5.45 8.78
C ASP A 271 1.21 -5.76 10.25
N VAL A 272 1.65 -6.92 10.70
CA VAL A 272 1.45 -7.29 12.10
C VAL A 272 2.26 -6.38 13.04
N HIS A 273 3.54 -6.17 12.71
CA HIS A 273 4.44 -5.33 13.50
C HIS A 273 3.90 -3.90 13.63
N VAL A 274 3.29 -3.39 12.56
CA VAL A 274 2.89 -1.99 12.50
C VAL A 274 1.43 -1.75 12.91
N HIS A 275 0.50 -2.51 12.33
CA HIS A 275 -0.94 -2.29 12.59
C HIS A 275 -1.42 -3.03 13.82
N GLY A 276 -0.73 -4.11 14.17
CA GLY A 276 -1.06 -4.84 15.38
C GLY A 276 -2.06 -5.97 15.19
N PHE A 277 -2.36 -6.31 13.94
CA PHE A 277 -3.25 -7.44 13.65
C PHE A 277 -2.92 -8.05 12.29
N TYR A 278 -3.30 -9.30 12.08
CA TYR A 278 -3.03 -9.97 10.81
C TYR A 278 -3.98 -9.50 9.73
N PRO A 279 -3.47 -9.39 8.48
CA PRO A 279 -4.36 -9.17 7.33
C PRO A 279 -5.27 -10.38 7.16
N GLU A 280 -6.51 -10.13 6.77
CA GLU A 280 -7.47 -11.22 6.60
CA GLU A 280 -7.48 -11.21 6.59
C GLU A 280 -7.04 -12.23 5.54
N HIS A 281 -6.27 -11.79 4.54
CA HIS A 281 -5.84 -12.71 3.49
C HIS A 281 -4.96 -13.83 4.05
N ILE A 282 -4.27 -13.57 5.16
CA ILE A 282 -3.47 -14.62 5.79
C ILE A 282 -4.37 -15.67 6.40
N PHE A 283 -5.39 -15.23 7.14
CA PHE A 283 -6.34 -16.16 7.73
C PHE A 283 -7.04 -17.00 6.66
N LYS A 284 -7.46 -16.35 5.57
CA LYS A 284 -8.08 -17.09 4.47
C LYS A 284 -7.13 -18.14 3.89
N TYR A 285 -5.86 -17.77 3.74
CA TYR A 285 -4.86 -18.68 3.20
C TYR A 285 -4.69 -19.90 4.10
N TRP A 286 -4.56 -19.66 5.41
CA TRP A 286 -4.48 -20.77 6.35
C TRP A 286 -5.70 -21.69 6.27
N GLU A 287 -6.89 -21.10 6.16
CA GLU A 287 -8.12 -21.91 6.08
C GLU A 287 -8.06 -22.80 4.86
N ARG A 288 -7.61 -22.22 3.75
CA ARG A 288 -7.56 -22.95 2.48
CA ARG A 288 -7.53 -22.92 2.47
C ARG A 288 -6.53 -24.08 2.51
N LYS A 289 -5.39 -23.84 3.15
CA LYS A 289 -4.31 -24.82 3.22
C LYS A 289 -4.41 -25.75 4.43
N ALA A 290 -5.50 -25.59 5.19
CA ALA A 290 -5.68 -26.35 6.43
C ALA A 290 -4.50 -26.17 7.37
N ILE A 291 -3.96 -24.96 7.42
CA ILE A 291 -2.89 -24.62 8.34
C ILE A 291 -3.49 -24.21 9.67
N LYS A 292 -3.11 -24.91 10.73
CA LYS A 292 -3.60 -24.62 12.07
C LYS A 292 -2.52 -23.93 12.89
N VAL A 293 -2.85 -22.77 13.44
CA VAL A 293 -1.92 -21.99 14.22
C VAL A 293 -2.47 -21.76 15.63
N ASP A 294 -1.65 -22.10 16.62
CA ASP A 294 -1.95 -21.84 18.02
C ASP A 294 -1.92 -20.33 18.22
N PHE A 295 -3.10 -19.72 18.33
CA PHE A 295 -3.26 -18.27 18.29
C PHE A 295 -4.36 -17.93 19.29
N THR A 296 -3.99 -17.30 20.40
CA THR A 296 -4.92 -17.06 21.49
C THR A 296 -5.45 -15.63 21.50
N GLU A 297 -6.52 -15.41 22.27
CA GLU A 297 -7.05 -14.06 22.46
C GLU A 297 -5.98 -13.16 23.08
N ARG A 298 -5.15 -13.75 23.93
CA ARG A 298 -4.08 -13.00 24.58
C ARG A 298 -2.98 -12.59 23.58
N ASP A 299 -2.68 -13.47 22.63
CA ASP A 299 -1.76 -13.12 21.56
C ASP A 299 -2.32 -11.91 20.83
N LYS A 300 -3.63 -11.95 20.57
CA LYS A 300 -4.31 -10.90 19.83
C LYS A 300 -4.12 -9.56 20.52
N LYS A 301 -4.36 -9.54 21.83
CA LYS A 301 -4.16 -8.35 22.63
C LYS A 301 -2.71 -7.88 22.59
N ASP A 302 -1.76 -8.79 22.83
CA ASP A 302 -0.33 -8.46 22.79
C ASP A 302 0.09 -7.83 21.46
N LEU A 303 -0.32 -8.45 20.36
CA LEU A 303 0.05 -7.92 19.03
C LEU A 303 -0.48 -6.50 18.86
N PHE A 304 -1.71 -6.27 19.29
CA PHE A 304 -2.32 -4.98 19.11
C PHE A 304 -1.63 -3.91 19.94
N GLU A 305 -1.12 -4.31 21.11
CA GLU A 305 -0.52 -3.37 22.05
C GLU A 305 1.00 -3.21 21.89
N GLY A 306 1.59 -4.07 21.08
CA GLY A 306 3.05 -4.12 20.97
C GLY A 306 3.59 -3.72 19.61
N THR A 307 2.88 -2.81 18.93
CA THR A 307 3.35 -2.34 17.63
C THR A 307 4.61 -1.48 17.75
N VAL A 308 5.38 -1.44 16.67
CA VAL A 308 6.72 -0.87 16.70
C VAL A 308 6.73 0.64 16.43
N ASP A 309 7.84 1.27 16.80
CA ASP A 309 8.04 2.70 16.64
C ASP A 309 8.52 3.08 15.24
N TYR A 310 9.22 2.15 14.59
CA TYR A 310 9.79 2.42 13.29
C TYR A 310 10.07 1.11 12.58
N ILE A 311 10.34 1.19 11.28
CA ILE A 311 10.61 0.00 10.48
C ILE A 311 12.07 0.04 10.06
N GLY A 312 12.87 -0.85 10.63
CA GLY A 312 14.22 -1.04 10.11
C GLY A 312 14.12 -2.03 8.96
N PHE A 313 14.92 -1.81 7.93
CA PHE A 313 14.92 -2.78 6.85
C PHE A 313 16.24 -2.88 6.14
N SER A 314 16.50 -4.05 5.58
CA SER A 314 17.65 -4.23 4.71
C SER A 314 17.20 -4.08 3.27
N TYR A 315 18.08 -3.51 2.44
CA TYR A 315 17.81 -3.42 1.01
C TYR A 315 19.09 -3.76 0.26
N TYR A 316 19.03 -4.80 -0.58
CA TYR A 316 20.15 -5.16 -1.46
C TYR A 316 19.74 -5.26 -2.93
N MSE A 317 18.48 -5.56 -3.18
CA MSE A 317 18.07 -6.01 -4.49
C MSE A 317 16.54 -6.01 -4.61
O MSE A 317 15.84 -5.92 -3.60
CB MSE A 317 18.57 -7.44 -4.71
CG MSE A 317 17.88 -8.45 -3.80
SE MSE A 317 18.81 -10.19 -3.72
CE MSE A 317 19.03 -10.32 -1.80
N SER A 318 16.04 -6.13 -5.84
CA SER A 318 14.63 -6.31 -6.11
C SER A 318 14.42 -7.63 -6.86
N PHE A 319 13.19 -8.14 -6.85
CA PHE A 319 12.82 -9.38 -7.55
C PHE A 319 11.82 -9.03 -8.65
N VAL A 320 11.59 -10.00 -9.54
CA VAL A 320 10.50 -9.94 -10.50
C VAL A 320 9.75 -11.25 -10.41
N ILE A 321 8.42 -11.18 -10.59
CA ILE A 321 7.56 -12.36 -10.52
C ILE A 321 6.65 -12.36 -11.75
N ASP A 322 6.20 -13.55 -12.18
CA ASP A 322 5.20 -13.64 -13.22
C ASP A 322 4.28 -14.81 -12.92
N ALA A 323 3.31 -15.04 -13.79
CA ALA A 323 2.32 -16.08 -13.53
C ALA A 323 2.58 -17.32 -14.38
N HIS A 324 3.85 -17.62 -14.63
CA HIS A 324 4.17 -18.72 -15.54
C HIS A 324 3.87 -20.08 -14.92
N ARG A 325 4.00 -20.20 -13.60
CA ARG A 325 3.87 -21.51 -12.97
C ARG A 325 2.46 -22.08 -13.10
N GLU A 326 2.37 -23.31 -13.60
CA GLU A 326 1.08 -23.97 -13.80
CA GLU A 326 1.08 -23.95 -13.79
C GLU A 326 0.52 -24.45 -12.46
N ASN A 327 -0.75 -24.84 -12.48
CA ASN A 327 -1.37 -25.43 -11.29
C ASN A 327 -1.29 -24.52 -10.09
N ASN A 328 -1.59 -23.24 -10.32
CA ASN A 328 -1.51 -22.26 -9.25
C ASN A 328 -2.76 -21.37 -9.26
N PRO A 329 -3.94 -22.02 -9.24
CA PRO A 329 -5.22 -21.31 -9.42
C PRO A 329 -5.49 -20.29 -8.31
N TYR A 330 -4.85 -20.42 -7.15
CA TYR A 330 -5.05 -19.47 -6.05
C TYR A 330 -3.96 -18.42 -5.92
N TYR A 331 -3.05 -18.37 -6.88
CA TYR A 331 -1.99 -17.38 -6.87
C TYR A 331 -1.11 -17.48 -5.60
N ASP A 332 -0.79 -18.71 -5.21
CA ASP A 332 0.20 -18.95 -4.15
C ASP A 332 1.56 -18.37 -4.55
N TYR A 333 2.41 -18.09 -3.56
CA TYR A 333 3.74 -17.57 -3.83
C TYR A 333 4.81 -18.58 -3.39
N LEU A 334 5.61 -19.05 -4.34
CA LEU A 334 6.79 -19.85 -4.00
C LEU A 334 8.07 -19.08 -4.35
N GLU A 335 8.78 -18.61 -3.34
CA GLU A 335 9.98 -17.78 -3.57
C GLU A 335 11.01 -18.50 -4.45
N THR A 336 11.02 -19.83 -4.41
CA THR A 336 12.01 -20.60 -5.15
C THR A 336 11.56 -21.00 -6.55
N GLU A 337 10.35 -20.62 -6.94
CA GLU A 337 9.80 -21.05 -8.24
C GLU A 337 9.15 -19.97 -9.10
N ASP A 338 8.58 -18.93 -8.47
CA ASP A 338 7.80 -17.93 -9.20
C ASP A 338 8.61 -16.73 -9.66
N LEU A 339 9.82 -16.58 -9.12
CA LEU A 339 10.65 -15.42 -9.44
C LEU A 339 11.38 -15.61 -10.76
N VAL A 340 11.56 -14.50 -11.47
CA VAL A 340 12.27 -14.51 -12.75
C VAL A 340 13.26 -13.37 -12.74
N LYS A 341 14.16 -13.33 -13.72
CA LYS A 341 15.18 -12.30 -13.74
C LYS A 341 14.64 -10.99 -14.32
N ASN A 342 15.16 -9.88 -13.84
CA ASN A 342 14.85 -8.57 -14.38
C ASN A 342 15.85 -8.21 -15.49
N PRO A 343 15.37 -8.07 -16.73
CA PRO A 343 16.28 -7.84 -17.86
C PRO A 343 16.82 -6.43 -17.87
N TYR A 344 16.30 -5.56 -17.01
CA TYR A 344 16.70 -4.15 -17.02
C TYR A 344 17.85 -3.81 -16.07
N VAL A 345 18.34 -4.80 -15.34
CA VAL A 345 19.39 -4.56 -14.38
C VAL A 345 20.56 -5.55 -14.49
N LYS A 346 21.68 -5.15 -13.92
CA LYS A 346 22.85 -6.01 -13.77
C LYS A 346 22.72 -6.74 -12.43
N ALA A 347 23.65 -7.66 -12.15
CA ALA A 347 23.63 -8.37 -10.88
C ALA A 347 25.04 -8.66 -10.37
N SER A 348 25.18 -8.86 -9.06
CA SER A 348 26.47 -9.16 -8.46
C SER A 348 26.90 -10.56 -8.85
N ASP A 349 28.12 -10.93 -8.46
CA ASP A 349 28.64 -12.25 -8.79
C ASP A 349 27.95 -13.35 -7.99
N TRP A 350 27.11 -12.96 -7.04
CA TRP A 350 26.25 -13.90 -6.33
C TRP A 350 24.79 -13.83 -6.83
N ASP A 351 24.60 -13.22 -7.99
CA ASP A 351 23.30 -13.15 -8.67
C ASP A 351 22.31 -12.19 -8.00
N TRP A 352 22.80 -11.29 -7.15
CA TRP A 352 21.94 -10.30 -6.49
C TRP A 352 21.71 -9.11 -7.42
N GLN A 353 20.46 -8.88 -7.82
CA GLN A 353 20.18 -7.83 -8.78
C GLN A 353 20.47 -6.44 -8.22
N ILE A 354 21.09 -5.61 -9.04
CA ILE A 354 21.47 -4.26 -8.65
C ILE A 354 20.41 -3.25 -9.12
N ASP A 355 19.66 -2.69 -8.18
CA ASP A 355 18.49 -1.88 -8.52
C ASP A 355 18.34 -0.75 -7.52
N PRO A 356 19.18 0.29 -7.63
CA PRO A 356 19.13 1.39 -6.66
C PRO A 356 17.78 2.06 -6.62
N GLN A 357 17.14 2.20 -7.78
CA GLN A 357 15.83 2.85 -7.82
C GLN A 357 14.78 2.09 -7.00
N GLY A 358 14.92 0.78 -6.93
CA GLY A 358 14.03 -0.01 -6.09
C GLY A 358 14.07 0.40 -4.62
N LEU A 359 15.17 1.03 -4.21
CA LEU A 359 15.23 1.49 -2.82
C LEU A 359 14.29 2.66 -2.65
N ARG A 360 14.19 3.50 -3.67
CA ARG A 360 13.24 4.60 -3.62
C ARG A 360 11.80 4.07 -3.61
N TYR A 361 11.52 3.06 -4.42
CA TYR A 361 10.21 2.40 -4.42
C TYR A 361 9.92 1.86 -3.02
N ALA A 362 10.91 1.19 -2.43
CA ALA A 362 10.72 0.57 -1.12
C ALA A 362 10.39 1.62 -0.05
N LEU A 363 11.15 2.71 -0.05
CA LEU A 363 10.92 3.77 0.91
C LEU A 363 9.51 4.32 0.79
N ASN A 364 9.05 4.50 -0.44
CA ASN A 364 7.70 4.99 -0.66
C ASN A 364 6.63 3.97 -0.29
N TRP A 365 6.89 2.71 -0.60
CA TRP A 365 5.93 1.65 -0.29
C TRP A 365 5.73 1.57 1.23
N PHE A 366 6.83 1.49 1.99
CA PHE A 366 6.71 1.47 3.44
C PHE A 366 6.01 2.72 3.96
N THR A 367 6.33 3.88 3.39
CA THR A 367 5.73 5.12 3.88
C THR A 367 4.21 5.14 3.61
N ASP A 368 3.84 4.79 2.38
CA ASP A 368 2.42 4.82 1.98
C ASP A 368 1.57 3.82 2.74
N MSE A 369 2.17 2.68 3.09
CA MSE A 369 1.45 1.62 3.76
C MSE A 369 1.35 1.82 5.27
O MSE A 369 0.30 1.52 5.87
CB MSE A 369 2.11 0.27 3.50
CG MSE A 369 1.89 -0.26 2.11
SE MSE A 369 0.12 -1.10 1.98
CE MSE A 369 0.50 -2.62 3.15
N TYR A 370 2.41 2.35 5.86
CA TYR A 370 2.60 2.29 7.31
C TYR A 370 2.77 3.64 8.02
N HIS A 371 3.17 4.66 7.28
CA HIS A 371 3.31 6.01 7.87
C HIS A 371 4.16 6.04 9.15
N LEU A 372 5.24 5.25 9.16
CA LEU A 372 6.21 5.28 10.25
C LEU A 372 7.56 5.75 9.75
N PRO A 373 8.41 6.25 10.66
CA PRO A 373 9.80 6.50 10.28
C PRO A 373 10.48 5.20 9.87
N LEU A 374 11.47 5.32 8.98
CA LEU A 374 12.17 4.19 8.41
C LEU A 374 13.66 4.30 8.72
N PHE A 375 14.34 3.16 8.73
CA PHE A 375 15.78 3.12 9.00
C PHE A 375 16.37 2.08 8.07
N ILE A 376 17.20 2.50 7.12
CA ILE A 376 17.89 1.55 6.26
C ILE A 376 19.04 1.00 7.09
N VAL A 377 18.86 -0.21 7.62
CA VAL A 377 19.85 -0.78 8.54
C VAL A 377 20.79 -1.81 7.90
N GLU A 378 20.61 -2.05 6.60
CA GLU A 378 21.54 -2.83 5.78
C GLU A 378 21.44 -2.40 4.32
N ASN A 379 22.60 -2.19 3.69
CA ASN A 379 22.70 -2.02 2.24
C ASN A 379 24.16 -2.31 1.93
N GLY A 380 24.45 -3.04 0.87
CA GLY A 380 25.85 -3.38 0.63
C GLY A 380 26.04 -4.09 -0.69
N PHE A 381 27.28 -4.15 -1.15
CA PHE A 381 27.63 -4.86 -2.37
C PHE A 381 28.70 -5.90 -2.06
N GLY A 382 28.30 -7.18 -2.03
CA GLY A 382 29.21 -8.25 -1.70
C GLY A 382 29.97 -8.66 -2.94
N ALA A 383 31.30 -8.57 -2.89
CA ALA A 383 32.12 -8.79 -4.07
C ALA A 383 33.49 -9.32 -3.71
N ILE A 384 34.13 -9.97 -4.68
CA ILE A 384 35.54 -10.36 -4.53
C ILE A 384 36.42 -9.11 -4.49
N ASP A 385 37.30 -9.04 -3.49
CA ASP A 385 38.26 -7.95 -3.42
C ASP A 385 39.64 -8.47 -3.73
N GLN A 386 40.45 -7.64 -4.39
CA GLN A 386 41.87 -7.94 -4.49
C GLN A 386 42.67 -6.76 -3.95
N VAL A 387 43.72 -7.08 -3.19
CA VAL A 387 44.60 -6.06 -2.64
C VAL A 387 45.61 -5.65 -3.70
N GLU A 388 45.67 -4.35 -3.98
CA GLU A 388 46.53 -3.83 -5.03
C GLU A 388 47.98 -3.80 -4.56
N ALA A 389 48.87 -3.43 -5.47
CA ALA A 389 50.29 -3.33 -5.13
C ALA A 389 50.51 -2.37 -3.96
N ASP A 390 49.66 -1.35 -3.87
CA ASP A 390 49.81 -0.33 -2.84
C ASP A 390 49.27 -0.78 -1.48
N GLY A 391 48.84 -2.04 -1.41
CA GLY A 391 48.34 -2.60 -0.17
C GLY A 391 46.90 -2.24 0.13
N MSE A 392 46.23 -1.57 -0.81
CA MSE A 392 44.83 -1.21 -0.62
C MSE A 392 43.93 -1.80 -1.70
O MSE A 392 44.33 -1.96 -2.85
CB MSE A 392 44.66 0.32 -0.59
CG MSE A 392 43.22 0.81 -0.81
SE MSE A 392 43.09 2.75 -0.62
CE MSE A 392 43.51 2.89 1.28
N VAL A 393 42.69 -2.13 -1.30
CA VAL A 393 41.68 -2.57 -2.24
C VAL A 393 41.05 -1.34 -2.87
N HIS A 394 41.11 -1.25 -4.19
CA HIS A 394 40.49 -0.14 -4.90
C HIS A 394 39.11 -0.57 -5.33
N ASP A 395 38.18 -0.55 -4.37
CA ASP A 395 36.82 -1.05 -4.58
C ASP A 395 35.88 0.02 -5.13
N ASP A 396 36.16 0.48 -6.34
CA ASP A 396 35.34 1.50 -6.98
C ASP A 396 33.93 0.97 -7.28
N TYR A 397 33.83 -0.33 -7.52
CA TYR A 397 32.55 -0.98 -7.73
C TYR A 397 31.64 -0.89 -6.51
N ARG A 398 32.24 -0.96 -5.32
CA ARG A 398 31.48 -0.88 -4.08
C ARG A 398 31.03 0.55 -3.83
N ILE A 399 31.93 1.49 -4.08
CA ILE A 399 31.62 2.91 -4.01
C ILE A 399 30.46 3.25 -4.94
N ASP A 400 30.52 2.76 -6.18
CA ASP A 400 29.47 3.01 -7.16
C ASP A 400 28.13 2.44 -6.73
N TYR A 401 28.14 1.26 -6.14
CA TYR A 401 26.90 0.65 -5.68
C TYR A 401 26.29 1.46 -4.53
N LEU A 402 27.09 1.73 -3.51
CA LEU A 402 26.57 2.46 -2.34
C LEU A 402 26.12 3.87 -2.73
N GLY A 403 26.94 4.56 -3.51
CA GLY A 403 26.63 5.90 -3.97
C GLY A 403 25.30 5.95 -4.71
N ALA A 404 25.05 4.97 -5.58
CA ALA A 404 23.81 4.91 -6.37
C ALA A 404 22.59 4.80 -5.47
N HIS A 405 22.70 4.01 -4.41
CA HIS A 405 21.59 3.86 -3.47
C HIS A 405 21.40 5.08 -2.59
N ILE A 406 22.50 5.71 -2.18
CA ILE A 406 22.41 6.92 -1.38
C ILE A 406 21.69 8.02 -2.16
N LYS A 407 22.00 8.12 -3.45
CA LYS A 407 21.32 9.09 -4.31
C LYS A 407 19.81 8.88 -4.33
N GLU A 408 19.37 7.62 -4.38
CA GLU A 408 17.95 7.33 -4.43
C GLU A 408 17.27 7.59 -3.10
N MSE A 409 17.96 7.28 -2.00
CA MSE A 409 17.37 7.47 -0.68
C MSE A 409 17.22 8.96 -0.38
O MSE A 409 16.25 9.38 0.26
CB MSE A 409 18.18 6.76 0.41
CG MSE A 409 19.30 7.58 0.99
SE MSE A 409 20.25 6.49 2.30
CE MSE A 409 21.58 7.84 2.81
N ILE A 410 18.15 9.77 -0.88
CA ILE A 410 18.05 11.22 -0.74
C ILE A 410 16.89 11.79 -1.57
N LYS A 411 16.68 11.26 -2.77
CA LYS A 411 15.48 11.61 -3.52
C LYS A 411 14.21 11.27 -2.73
N ALA A 412 14.19 10.11 -2.09
CA ALA A 412 13.00 9.72 -1.33
C ALA A 412 12.72 10.70 -0.20
N VAL A 413 13.76 11.19 0.45
CA VAL A 413 13.58 12.16 1.52
C VAL A 413 13.21 13.52 0.94
N ASP A 414 13.99 13.96 -0.03
CA ASP A 414 13.92 15.34 -0.51
C ASP A 414 12.74 15.58 -1.44
N GLU A 415 12.44 14.59 -2.29
CA GLU A 415 11.36 14.75 -3.26
C GLU A 415 10.07 14.09 -2.79
N ASP A 416 10.18 13.01 -2.04
CA ASP A 416 8.99 12.21 -1.72
C ASP A 416 8.53 12.42 -0.28
N GLY A 417 9.38 12.99 0.56
CA GLY A 417 8.99 13.29 1.93
C GLY A 417 8.98 12.12 2.90
N VAL A 418 9.68 11.04 2.58
CA VAL A 418 9.71 9.90 3.50
C VAL A 418 10.48 10.30 4.75
N GLU A 419 10.15 9.68 5.88
CA GLU A 419 10.86 9.95 7.12
C GLU A 419 11.93 8.90 7.26
N LEU A 420 13.19 9.31 7.11
CA LEU A 420 14.30 8.37 7.12
C LEU A 420 15.29 8.71 8.23
N MSE A 421 15.46 7.77 9.17
CA MSE A 421 16.27 8.03 10.36
C MSE A 421 17.76 7.96 10.10
O MSE A 421 18.54 8.67 10.73
CB MSE A 421 15.93 7.02 11.45
CG MSE A 421 14.45 7.12 11.92
SE MSE A 421 13.99 5.52 12.93
CE MSE A 421 15.36 5.59 14.32
N GLY A 422 18.16 7.08 9.18
CA GLY A 422 19.58 6.86 8.98
C GLY A 422 19.84 5.74 7.98
N TYR A 423 21.12 5.37 7.88
CA TYR A 423 21.60 4.51 6.82
C TYR A 423 22.89 3.85 7.31
N THR A 424 22.88 2.52 7.45
CA THR A 424 24.07 1.80 7.91
C THR A 424 24.44 0.69 6.93
N PRO A 425 25.41 0.97 6.06
CA PRO A 425 25.89 -0.07 5.14
C PRO A 425 26.26 -1.35 5.88
N TRP A 426 25.89 -2.49 5.30
CA TRP A 426 26.15 -3.80 5.87
C TRP A 426 27.61 -4.27 5.74
N GLY A 427 28.08 -4.97 6.77
CA GLY A 427 29.41 -5.54 6.76
C GLY A 427 30.50 -4.51 6.57
N CYS A 428 30.38 -3.40 7.31
CA CYS A 428 31.28 -2.26 7.15
C CYS A 428 32.77 -2.60 7.40
N ILE A 429 33.00 -3.66 8.17
CA ILE A 429 34.28 -4.34 8.25
C ILE A 429 34.05 -5.75 7.71
N ASP A 430 34.97 -6.26 6.89
CA ASP A 430 34.79 -7.58 6.26
C ASP A 430 34.47 -8.63 7.31
N LEU A 431 33.39 -9.38 7.09
CA LEU A 431 32.98 -10.40 8.05
C LEU A 431 32.46 -11.66 7.36
N VAL A 432 32.10 -12.67 8.15
CA VAL A 432 31.65 -13.95 7.58
C VAL A 432 30.25 -13.79 7.01
N SER A 433 30.07 -14.09 5.72
CA SER A 433 28.76 -13.90 5.10
C SER A 433 27.72 -14.86 5.71
N ALA A 434 26.45 -14.48 5.62
CA ALA A 434 25.36 -15.29 6.19
C ALA A 434 24.95 -16.46 5.30
N GLY A 435 24.45 -16.16 4.10
CA GLY A 435 23.95 -17.20 3.23
C GLY A 435 24.96 -18.30 2.96
N THR A 436 26.20 -17.92 2.71
CA THR A 436 27.21 -18.88 2.27
C THR A 436 28.31 -19.15 3.29
N GLY A 437 28.46 -18.26 4.27
CA GLY A 437 29.52 -18.41 5.25
C GLY A 437 30.90 -18.16 4.67
N GLU A 438 31.00 -17.18 3.79
CA GLU A 438 32.25 -16.88 3.09
C GLU A 438 32.91 -15.61 3.58
N MSE A 439 34.25 -15.61 3.56
CA MSE A 439 35.02 -14.38 3.72
C MSE A 439 35.17 -13.70 2.37
O MSE A 439 35.22 -12.48 2.31
CB MSE A 439 36.40 -14.69 4.31
CG MSE A 439 36.43 -14.90 5.83
SE MSE A 439 35.90 -13.34 6.92
CE MSE A 439 36.93 -11.96 6.01
N ARG A 440 35.23 -14.49 1.29
CA ARG A 440 35.51 -13.94 -0.04
C ARG A 440 34.42 -12.99 -0.52
N LYS A 441 33.20 -13.19 -0.03
CA LYS A 441 32.11 -12.28 -0.37
C LYS A 441 32.20 -11.07 0.54
N ARG A 442 32.98 -10.08 0.11
CA ARG A 442 33.36 -8.97 0.99
C ARG A 442 32.46 -7.77 0.82
N TYR A 443 32.16 -7.10 1.93
CA TYR A 443 31.25 -5.96 1.96
C TYR A 443 31.92 -4.69 2.48
N GLY A 444 33.03 -4.85 3.18
CA GLY A 444 33.53 -3.80 4.06
C GLY A 444 34.14 -2.56 3.44
N PHE A 445 34.18 -1.49 4.22
CA PHE A 445 35.07 -0.37 3.95
C PHE A 445 36.44 -0.73 4.50
N ILE A 446 36.48 -1.79 5.29
CA ILE A 446 37.71 -2.21 5.94
C ILE A 446 38.00 -3.67 5.56
N TYR A 447 39.16 -3.89 4.93
CA TYR A 447 39.57 -5.22 4.55
C TYR A 447 40.12 -5.96 5.76
N VAL A 448 39.74 -7.23 5.89
CA VAL A 448 40.34 -8.06 6.93
C VAL A 448 41.03 -9.25 6.28
N ASP A 449 42.29 -9.50 6.65
CA ASP A 449 43.03 -10.61 6.09
C ASP A 449 42.62 -11.95 6.71
N LYS A 450 41.53 -12.51 6.20
CA LYS A 450 41.15 -13.87 6.55
C LYS A 450 40.42 -14.46 5.36
N ASP A 451 40.82 -15.67 4.96
CA ASP A 451 40.23 -16.30 3.78
C ASP A 451 39.33 -17.48 4.14
N ASP A 452 38.87 -18.19 3.11
CA ASP A 452 37.89 -19.25 3.31
C ASP A 452 38.47 -20.59 3.78
N GLU A 453 39.77 -20.59 4.04
CA GLU A 453 40.40 -21.75 4.66
C GLU A 453 40.84 -21.39 6.09
N GLY A 454 40.47 -20.18 6.51
CA GLY A 454 40.78 -19.72 7.86
C GLY A 454 42.16 -19.13 8.01
N LYS A 455 42.86 -18.96 6.89
CA LYS A 455 44.21 -18.41 6.91
C LYS A 455 44.20 -16.89 6.90
N GLY A 456 45.21 -16.28 7.51
CA GLY A 456 45.38 -14.85 7.45
C GLY A 456 45.73 -14.20 8.76
N THR A 457 46.26 -12.99 8.69
CA THR A 457 46.71 -12.24 9.86
C THR A 457 45.56 -11.59 10.63
N LEU A 458 44.45 -11.35 9.95
CA LEU A 458 43.32 -10.62 10.51
C LEU A 458 43.61 -9.13 10.58
N LYS A 459 44.72 -8.71 9.97
CA LYS A 459 45.04 -7.29 9.91
C LYS A 459 43.89 -6.53 9.26
N ARG A 460 43.54 -5.37 9.81
CA ARG A 460 42.55 -4.48 9.19
C ARG A 460 43.25 -3.43 8.34
N SER A 461 42.71 -3.21 7.14
CA SER A 461 43.23 -2.20 6.22
C SER A 461 42.08 -1.47 5.56
N PRO A 462 42.09 -0.13 5.60
CA PRO A 462 41.08 0.65 4.91
C PRO A 462 41.13 0.41 3.41
N LYS A 463 39.96 0.31 2.80
CA LYS A 463 39.82 0.16 1.36
C LYS A 463 39.61 1.55 0.78
N LEU A 464 39.57 1.66 -0.55
CA LEU A 464 39.30 2.94 -1.19
C LEU A 464 37.99 3.54 -0.69
N SER A 465 37.03 2.67 -0.43
CA SER A 465 35.69 3.08 -0.02
C SER A 465 35.69 3.70 1.38
N PHE A 466 36.76 3.46 2.14
CA PHE A 466 36.87 3.94 3.51
C PHE A 466 36.84 5.46 3.56
N ASN A 467 37.75 6.11 2.85
CA ASN A 467 37.74 7.58 2.83
C ASN A 467 36.61 8.18 1.98
N TRP A 468 36.11 7.40 1.01
CA TRP A 468 34.92 7.82 0.27
C TRP A 468 33.75 8.02 1.23
N TYR A 469 33.49 7.00 2.05
CA TYR A 469 32.34 7.04 2.96
C TYR A 469 32.55 8.09 4.06
N LYS A 470 33.80 8.25 4.49
CA LYS A 470 34.16 9.27 5.46
C LYS A 470 33.74 10.65 4.95
N GLU A 471 33.93 10.88 3.66
CA GLU A 471 33.54 12.13 3.02
C GLU A 471 32.03 12.22 2.84
N VAL A 472 31.39 11.09 2.60
CA VAL A 472 29.92 11.09 2.49
C VAL A 472 29.34 11.60 3.80
N ILE A 473 29.77 10.98 4.89
CA ILE A 473 29.27 11.38 6.20
C ILE A 473 29.59 12.84 6.53
N ALA A 474 30.84 13.25 6.27
CA ALA A 474 31.28 14.61 6.57
C ALA A 474 30.45 15.66 5.84
N SER A 475 30.02 15.33 4.61
CA SER A 475 29.21 16.24 3.81
C SER A 475 27.72 15.96 3.95
N ASN A 476 27.38 15.01 4.82
CA ASN A 476 25.99 14.61 5.02
C ASN A 476 25.31 14.19 3.72
N GLY A 477 26.09 13.56 2.84
CA GLY A 477 25.58 13.03 1.59
C GLY A 477 25.56 14.03 0.45
N ASP A 478 26.03 15.24 0.70
CA ASP A 478 26.08 16.26 -0.34
C ASP A 478 27.09 15.90 -1.43
N ASP A 479 28.13 15.16 -1.05
CA ASP A 479 29.19 14.81 -1.99
C ASP A 479 29.37 13.29 -2.06
N ILE A 480 28.90 12.70 -3.16
CA ILE A 480 28.95 11.25 -3.33
C ILE A 480 29.80 10.86 -4.54
N MSE B 4 -23.09 -22.87 2.74
CA MSE B 4 -23.29 -21.43 2.65
C MSE B 4 -22.72 -20.83 1.37
O MSE B 4 -21.89 -21.46 0.70
CB MSE B 4 -22.69 -20.72 3.87
CG MSE B 4 -23.67 -20.52 5.02
SE MSE B 4 -23.93 -18.63 5.46
CE MSE B 4 -24.63 -18.00 3.76
N SER B 5 -23.16 -19.63 1.04
CA SER B 5 -22.69 -18.94 -0.15
C SER B 5 -21.40 -18.18 0.14
N LYS B 6 -20.75 -17.69 -0.90
CA LYS B 6 -19.45 -17.05 -0.77
C LYS B 6 -19.57 -15.61 -0.28
N LEU B 7 -20.69 -14.98 -0.60
CA LEU B 7 -20.94 -13.60 -0.18
C LEU B 7 -21.86 -13.57 1.04
N PRO B 8 -21.78 -12.48 1.82
CA PRO B 8 -22.63 -12.32 3.00
C PRO B 8 -24.10 -12.39 2.62
N GLU B 9 -24.91 -12.92 3.54
CA GLU B 9 -26.34 -13.07 3.31
C GLU B 9 -27.01 -11.73 2.97
N ASN B 10 -26.53 -10.66 3.59
CA ASN B 10 -27.10 -9.33 3.42
C ASN B 10 -26.33 -8.40 2.47
N PHE B 11 -25.53 -9.00 1.59
CA PHE B 11 -24.76 -8.28 0.57
C PHE B 11 -25.70 -7.35 -0.22
N LEU B 12 -25.28 -6.10 -0.38
CA LEU B 12 -26.12 -5.06 -0.99
C LEU B 12 -26.03 -5.03 -2.51
N TRP B 13 -26.71 -5.97 -3.16
CA TRP B 13 -26.83 -5.98 -4.62
C TRP B 13 -27.75 -4.83 -4.98
N GLY B 14 -27.39 -4.07 -6.00
CA GLY B 14 -28.28 -2.99 -6.44
C GLY B 14 -27.95 -2.49 -7.82
N GLY B 15 -28.20 -1.20 -8.03
CA GLY B 15 -27.89 -0.54 -9.29
C GLY B 15 -27.67 0.91 -8.98
N ALA B 16 -26.94 1.61 -9.85
CA ALA B 16 -26.54 2.97 -9.55
C ALA B 16 -26.78 3.94 -10.71
N VAL B 17 -27.12 5.18 -10.36
CA VAL B 17 -27.35 6.25 -11.31
C VAL B 17 -26.97 7.56 -10.66
N ALA B 18 -27.21 8.67 -11.37
CA ALA B 18 -26.95 9.99 -10.83
C ALA B 18 -28.10 10.88 -11.26
N ALA B 19 -28.57 11.73 -10.35
CA ALA B 19 -29.77 12.54 -10.61
C ALA B 19 -29.74 13.25 -11.97
N HIS B 20 -28.65 13.94 -12.28
CA HIS B 20 -28.58 14.73 -13.50
C HIS B 20 -28.57 13.89 -14.76
N GLN B 21 -28.21 12.62 -14.63
CA GLN B 21 -28.15 11.75 -15.80
C GLN B 21 -29.49 11.07 -16.16
N LEU B 22 -30.43 11.02 -15.21
CA LEU B 22 -31.70 10.35 -15.49
C LEU B 22 -32.98 11.14 -15.15
N GLU B 23 -32.92 12.04 -14.19
CA GLU B 23 -34.18 12.65 -13.69
C GLU B 23 -34.95 13.47 -14.71
N GLY B 24 -34.25 14.29 -15.48
CA GLY B 24 -34.92 15.28 -16.30
C GLY B 24 -35.63 16.25 -15.37
N GLY B 25 -36.79 16.76 -15.79
CA GLY B 25 -37.51 17.74 -15.00
C GLY B 25 -36.58 18.83 -14.48
N TRP B 26 -35.72 19.32 -15.37
CA TRP B 26 -34.61 20.19 -14.96
C TRP B 26 -35.04 21.55 -14.42
N GLN B 27 -36.27 21.95 -14.72
CA GLN B 27 -36.78 23.20 -14.17
C GLN B 27 -37.89 22.93 -13.18
N GLU B 28 -38.31 21.67 -13.12
CA GLU B 28 -39.47 21.25 -12.32
C GLU B 28 -39.26 21.52 -10.82
N GLY B 29 -40.31 22.00 -10.16
CA GLY B 29 -40.29 22.24 -8.73
C GLY B 29 -39.32 23.31 -8.24
N GLY B 30 -38.95 24.23 -9.12
CA GLY B 30 -38.08 25.34 -8.76
C GLY B 30 -36.61 24.98 -8.77
N LYS B 31 -36.29 23.83 -9.36
CA LYS B 31 -34.92 23.39 -9.46
C LYS B 31 -34.08 24.44 -10.20
N GLY B 32 -32.86 24.65 -9.72
CA GLY B 32 -31.97 25.63 -10.33
C GLY B 32 -31.10 25.03 -11.41
N ILE B 33 -30.43 25.89 -12.18
CA ILE B 33 -29.55 25.44 -13.25
C ILE B 33 -28.28 24.82 -12.67
N SER B 34 -27.95 23.59 -13.10
CA SER B 34 -26.73 22.94 -12.63
C SER B 34 -25.66 22.92 -13.71
N VAL B 35 -24.42 22.59 -13.34
CA VAL B 35 -23.33 22.51 -14.30
C VAL B 35 -23.63 21.50 -15.43
N ALA B 36 -24.43 20.49 -15.13
CA ALA B 36 -24.80 19.51 -16.13
C ALA B 36 -25.78 20.10 -17.14
N ASP B 37 -26.53 21.11 -16.70
CA ASP B 37 -27.57 21.71 -17.54
C ASP B 37 -26.99 22.67 -18.58
N VAL B 38 -25.67 22.83 -18.57
CA VAL B 38 -25.01 23.71 -19.54
C VAL B 38 -23.97 22.95 -20.36
N MSE B 39 -24.04 21.62 -20.31
CA MSE B 39 -23.12 20.80 -21.09
C MSE B 39 -23.86 20.13 -22.25
O MSE B 39 -24.80 19.36 -22.04
CB MSE B 39 -22.43 19.76 -20.20
CG MSE B 39 -21.44 20.37 -19.20
SE MSE B 39 -20.76 19.07 -17.91
CE MSE B 39 -19.60 18.06 -19.10
N THR B 40 -23.44 20.42 -23.47
CA THR B 40 -24.11 19.90 -24.66
C THR B 40 -23.63 18.50 -24.98
N ALA B 41 -24.45 17.76 -25.71
CA ALA B 41 -24.14 16.39 -26.08
C ALA B 41 -22.88 16.31 -26.93
N GLY B 42 -22.10 15.26 -26.72
CA GLY B 42 -20.94 14.98 -27.54
C GLY B 42 -20.94 13.55 -28.05
N ARG B 43 -19.75 13.02 -28.31
CA ARG B 43 -19.60 11.63 -28.72
C ARG B 43 -18.15 11.20 -28.62
N HIS B 44 -17.91 9.89 -28.75
CA HIS B 44 -16.55 9.38 -28.66
C HIS B 44 -15.64 10.12 -29.64
N GLY B 45 -14.67 10.86 -29.09
CA GLY B 45 -13.77 11.65 -29.89
C GLY B 45 -14.07 13.14 -29.82
N VAL B 46 -15.36 13.46 -29.86
CA VAL B 46 -15.80 14.84 -29.76
C VAL B 46 -16.23 15.17 -28.32
N ALA B 47 -15.53 16.12 -27.71
CA ALA B 47 -15.81 16.48 -26.32
C ALA B 47 -17.13 17.25 -26.19
N ARG B 48 -17.70 17.19 -24.99
CA ARG B 48 -18.89 17.96 -24.66
C ARG B 48 -18.55 19.45 -24.59
N GLU B 49 -19.45 20.28 -25.09
CA GLU B 49 -19.27 21.72 -25.05
C GLU B 49 -19.83 22.31 -23.76
N ILE B 50 -18.97 22.93 -22.96
CA ILE B 50 -19.40 23.58 -21.73
C ILE B 50 -19.71 25.05 -22.01
N THR B 51 -21.00 25.39 -22.08
CA THR B 51 -21.45 26.72 -22.47
C THR B 51 -21.91 27.58 -21.29
N ALA B 52 -22.52 28.72 -21.60
CA ALA B 52 -22.90 29.68 -20.58
C ALA B 52 -24.37 29.56 -20.14
N GLY B 53 -25.05 28.50 -20.57
CA GLY B 53 -26.41 28.24 -20.12
C GLY B 53 -27.45 28.18 -21.22
N VAL B 54 -28.33 29.17 -21.25
CA VAL B 54 -29.39 29.22 -22.24
C VAL B 54 -28.84 29.60 -23.61
N LEU B 55 -28.09 28.69 -24.22
CA LEU B 55 -27.62 28.90 -25.58
C LEU B 55 -28.59 28.31 -26.59
N GLU B 56 -29.22 29.18 -27.36
CA GLU B 56 -30.31 28.83 -28.26
C GLU B 56 -30.06 27.55 -29.07
N GLY B 57 -29.04 27.59 -29.93
CA GLY B 57 -28.80 26.50 -30.86
C GLY B 57 -27.93 25.38 -30.32
N LYS B 58 -28.18 24.99 -29.07
CA LYS B 58 -27.42 23.89 -28.45
C LYS B 58 -28.37 22.82 -27.93
N TYR B 59 -27.88 21.58 -27.91
CA TYR B 59 -28.66 20.46 -27.38
C TYR B 59 -28.16 20.04 -26.01
N TYR B 60 -29.04 20.11 -25.02
CA TYR B 60 -28.69 19.72 -23.66
C TYR B 60 -29.45 18.45 -23.25
N PRO B 61 -28.82 17.29 -23.44
CA PRO B 61 -29.44 15.98 -23.18
C PRO B 61 -29.91 15.81 -21.73
N ASN B 62 -29.34 16.56 -20.79
CA ASN B 62 -29.68 16.39 -19.38
C ASN B 62 -30.97 17.07 -18.95
N HIS B 63 -31.48 17.98 -19.78
CA HIS B 63 -32.69 18.70 -19.44
C HIS B 63 -33.89 17.78 -19.26
N GLU B 64 -34.03 16.82 -20.16
CA GLU B 64 -35.12 15.86 -20.07
C GLU B 64 -34.62 14.48 -19.67
N ALA B 65 -33.37 14.18 -20.03
CA ALA B 65 -32.79 12.86 -19.82
C ALA B 65 -33.84 11.78 -20.11
N ILE B 66 -34.06 10.86 -19.17
CA ILE B 66 -35.09 9.85 -19.39
C ILE B 66 -36.36 10.10 -18.57
N ASP B 67 -36.48 11.31 -18.02
CA ASP B 67 -37.70 11.72 -17.31
C ASP B 67 -38.02 10.82 -16.10
N PHE B 68 -36.97 10.39 -15.39
CA PHE B 68 -37.11 9.55 -14.21
C PHE B 68 -37.86 10.28 -13.10
N TYR B 69 -37.74 11.60 -13.11
CA TYR B 69 -38.53 12.46 -12.24
C TYR B 69 -40.04 12.11 -12.25
N HIS B 70 -40.58 11.79 -13.43
CA HIS B 70 -42.00 11.43 -13.54
C HIS B 70 -42.21 9.92 -13.60
N HIS B 71 -41.17 9.21 -14.03
CA HIS B 71 -41.25 7.76 -14.25
C HIS B 71 -40.89 6.95 -13.01
N TYR B 72 -40.48 7.63 -11.94
CA TYR B 72 -39.75 6.90 -10.88
C TYR B 72 -40.53 5.73 -10.29
N LYS B 73 -41.85 5.86 -10.17
CA LYS B 73 -42.62 4.78 -9.58
C LYS B 73 -42.53 3.51 -10.42
N GLU B 74 -42.62 3.65 -11.74
CA GLU B 74 -42.56 2.49 -12.61
C GLU B 74 -41.15 1.93 -12.72
N ASP B 75 -40.16 2.82 -12.68
CA ASP B 75 -38.78 2.39 -12.78
C ASP B 75 -38.37 1.64 -11.52
N VAL B 76 -38.77 2.16 -10.36
CA VAL B 76 -38.49 1.50 -9.09
C VAL B 76 -39.14 0.11 -9.04
N LYS B 77 -40.34 -0.02 -9.62
CA LYS B 77 -41.00 -1.32 -9.71
C LYS B 77 -40.14 -2.32 -10.49
N LEU B 78 -39.46 -1.85 -11.54
CA LEU B 78 -38.54 -2.71 -12.29
C LEU B 78 -37.31 -3.13 -11.47
N PHE B 79 -36.82 -2.21 -10.64
CA PHE B 79 -35.67 -2.53 -9.80
C PHE B 79 -36.07 -3.62 -8.82
N ALA B 80 -37.30 -3.52 -8.34
CA ALA B 80 -37.83 -4.47 -7.37
C ALA B 80 -38.03 -5.85 -7.98
N GLU B 81 -38.41 -5.88 -9.25
CA GLU B 81 -38.55 -7.14 -9.97
C GLU B 81 -37.21 -7.87 -10.12
N MSE B 82 -36.14 -7.12 -10.30
CA MSE B 82 -34.81 -7.73 -10.35
C MSE B 82 -34.38 -8.10 -8.95
O MSE B 82 -33.48 -8.91 -8.76
CB MSE B 82 -33.80 -6.79 -10.99
CG MSE B 82 -33.82 -6.83 -12.50
SE MSE B 82 -32.44 -5.69 -13.26
CE MSE B 82 -33.19 -3.95 -12.82
N GLY B 83 -35.04 -7.50 -7.96
CA GLY B 83 -34.78 -7.82 -6.56
C GLY B 83 -33.64 -7.05 -5.95
N PHE B 84 -33.47 -5.79 -6.37
CA PHE B 84 -32.43 -4.94 -5.77
C PHE B 84 -32.56 -4.92 -4.25
N LYS B 85 -31.42 -4.97 -3.57
CA LYS B 85 -31.34 -4.76 -2.13
C LYS B 85 -31.09 -3.29 -1.84
N CYS B 86 -30.53 -2.58 -2.81
CA CYS B 86 -30.26 -1.15 -2.64
C CYS B 86 -30.35 -0.44 -3.98
N PHE B 87 -30.38 0.89 -3.93
CA PHE B 87 -30.43 1.67 -5.14
C PHE B 87 -29.63 2.92 -4.91
N ARG B 88 -28.60 3.11 -5.72
CA ARG B 88 -27.71 4.25 -5.53
C ARG B 88 -28.03 5.39 -6.47
N THR B 89 -28.22 6.58 -5.92
CA THR B 89 -28.43 7.76 -6.74
C THR B 89 -27.90 8.96 -6.00
N SER B 90 -28.01 10.12 -6.62
CA SER B 90 -27.64 11.36 -5.96
C SER B 90 -28.87 12.23 -5.67
N ILE B 91 -28.75 13.02 -4.60
CA ILE B 91 -29.71 14.08 -4.32
C ILE B 91 -29.28 15.30 -5.10
N ALA B 92 -30.09 15.73 -6.07
CA ALA B 92 -29.72 16.88 -6.88
C ALA B 92 -29.54 18.12 -6.00
N TRP B 93 -28.30 18.59 -5.88
CA TRP B 93 -27.98 19.79 -5.12
C TRP B 93 -28.95 20.91 -5.49
N THR B 94 -29.13 21.13 -6.78
CA THR B 94 -29.98 22.23 -7.25
C THR B 94 -31.47 22.05 -6.94
N ARG B 95 -31.89 20.85 -6.56
CA ARG B 95 -33.28 20.67 -6.15
C ARG B 95 -33.51 21.15 -4.72
N ILE B 96 -32.43 21.16 -3.93
CA ILE B 96 -32.52 21.57 -2.54
C ILE B 96 -32.11 23.04 -2.42
N PHE B 97 -31.05 23.41 -3.13
CA PHE B 97 -30.53 24.77 -3.16
C PHE B 97 -30.27 25.18 -4.61
N PRO B 98 -31.28 25.77 -5.27
CA PRO B 98 -31.18 26.08 -6.70
C PRO B 98 -29.99 26.96 -7.05
N LYS B 99 -29.73 28.00 -6.25
CA LYS B 99 -28.57 28.84 -6.46
C LYS B 99 -27.38 28.34 -5.65
N GLY B 100 -27.68 27.76 -4.49
CA GLY B 100 -26.64 27.20 -3.63
C GLY B 100 -26.42 27.99 -2.37
N ASP B 101 -26.69 29.30 -2.42
CA ASP B 101 -26.42 30.17 -1.28
C ASP B 101 -27.69 30.65 -0.57
N GLU B 102 -28.81 29.97 -0.80
CA GLU B 102 -30.05 30.32 -0.11
C GLU B 102 -29.92 30.02 1.38
N ALA B 103 -30.61 30.82 2.19
CA ALA B 103 -30.61 30.62 3.64
C ALA B 103 -31.43 29.40 4.00
N GLU B 104 -32.48 29.15 3.22
CA GLU B 104 -33.41 28.06 3.48
C GLU B 104 -33.47 27.09 2.31
N PRO B 105 -33.74 25.80 2.60
CA PRO B 105 -33.86 24.73 1.60
C PRO B 105 -35.16 24.80 0.83
N ASN B 106 -35.19 24.17 -0.33
CA ASN B 106 -36.38 24.09 -1.17
C ASN B 106 -37.23 22.90 -0.77
N GLU B 107 -38.42 23.17 -0.27
CA GLU B 107 -39.29 22.11 0.23
C GLU B 107 -39.66 21.13 -0.88
N ALA B 108 -39.96 21.66 -2.06
CA ALA B 108 -40.37 20.82 -3.18
C ALA B 108 -39.30 19.78 -3.50
N GLY B 109 -38.05 20.19 -3.46
CA GLY B 109 -36.94 19.28 -3.69
C GLY B 109 -36.85 18.22 -2.62
N LEU B 110 -36.93 18.64 -1.36
CA LEU B 110 -36.90 17.71 -0.24
C LEU B 110 -38.04 16.71 -0.30
N GLN B 111 -39.23 17.19 -0.69
CA GLN B 111 -40.39 16.30 -0.84
C GLN B 111 -40.21 15.27 -1.96
N PHE B 112 -39.60 15.68 -3.06
CA PHE B 112 -39.34 14.72 -4.14
C PHE B 112 -38.52 13.52 -3.66
N TYR B 113 -37.45 13.78 -2.92
CA TYR B 113 -36.59 12.69 -2.46
C TYR B 113 -37.24 11.88 -1.34
N ASP B 114 -38.09 12.53 -0.54
CA ASP B 114 -38.93 11.81 0.40
C ASP B 114 -39.75 10.76 -0.35
N ASP B 115 -40.34 11.19 -1.46
CA ASP B 115 -41.20 10.34 -2.27
C ASP B 115 -40.41 9.19 -2.89
N LEU B 116 -39.25 9.52 -3.45
CA LEU B 116 -38.38 8.51 -4.07
C LEU B 116 -37.90 7.48 -3.05
N PHE B 117 -37.37 7.96 -1.93
CA PHE B 117 -36.81 7.05 -0.93
C PHE B 117 -37.90 6.17 -0.33
N ASP B 118 -39.06 6.76 -0.05
CA ASP B 118 -40.22 5.98 0.38
C ASP B 118 -40.59 4.89 -0.62
N GLU B 119 -40.63 5.25 -1.91
CA GLU B 119 -40.97 4.27 -2.93
C GLU B 119 -40.00 3.09 -2.93
N CYS B 120 -38.71 3.37 -2.77
CA CYS B 120 -37.71 2.30 -2.71
C CYS B 120 -37.95 1.40 -1.53
N LEU B 121 -38.15 2.02 -0.36
CA LEU B 121 -38.32 1.29 0.88
C LEU B 121 -39.59 0.44 0.88
N LYS B 122 -40.62 0.88 0.18
CA LYS B 122 -41.81 0.06 -0.07
C LYS B 122 -41.43 -1.36 -0.50
N TYR B 123 -40.41 -1.45 -1.34
CA TYR B 123 -39.98 -2.73 -1.91
C TYR B 123 -38.77 -3.31 -1.20
N GLY B 124 -38.41 -2.74 -0.06
CA GLY B 124 -37.25 -3.20 0.69
C GLY B 124 -35.92 -2.83 0.06
N ILE B 125 -35.94 -1.80 -0.78
CA ILE B 125 -34.71 -1.33 -1.42
C ILE B 125 -34.13 -0.17 -0.61
N GLU B 126 -32.89 -0.36 -0.14
CA GLU B 126 -32.23 0.64 0.68
C GLU B 126 -31.59 1.72 -0.19
N PRO B 127 -31.96 2.98 0.04
CA PRO B 127 -31.29 4.05 -0.71
C PRO B 127 -29.81 4.15 -0.37
N VAL B 128 -28.99 4.43 -1.39
CA VAL B 128 -27.58 4.77 -1.23
C VAL B 128 -27.39 6.13 -1.90
N VAL B 129 -27.01 7.14 -1.14
CA VAL B 129 -27.04 8.52 -1.62
C VAL B 129 -25.67 9.19 -1.74
N THR B 130 -25.41 9.74 -2.92
CA THR B 130 -24.24 10.55 -3.14
C THR B 130 -24.68 12.00 -3.07
N LEU B 131 -24.04 12.78 -2.19
CA LEU B 131 -24.43 14.17 -2.00
C LEU B 131 -24.12 15.04 -3.22
N SER B 132 -22.89 14.96 -3.72
CA SER B 132 -22.49 15.74 -4.89
C SER B 132 -22.01 14.85 -6.03
N HIS B 133 -22.68 14.94 -7.17
CA HIS B 133 -22.40 14.07 -8.31
C HIS B 133 -22.46 14.84 -9.63
N PHE B 134 -21.38 15.58 -9.93
CA PHE B 134 -21.26 16.32 -11.18
C PHE B 134 -22.48 17.21 -11.47
N GLU B 135 -23.06 17.85 -10.45
CA GLU B 135 -24.29 18.63 -10.66
C GLU B 135 -24.41 19.82 -9.72
N LEU B 136 -23.26 20.42 -9.39
CA LEU B 136 -23.21 21.65 -8.61
C LEU B 136 -24.09 22.73 -9.23
N PRO B 137 -24.70 23.58 -8.40
CA PRO B 137 -25.46 24.71 -8.93
C PRO B 137 -24.58 25.64 -9.76
N TYR B 138 -25.00 25.90 -11.00
CA TYR B 138 -24.22 26.76 -11.90
C TYR B 138 -24.02 28.16 -11.32
N HIS B 139 -24.95 28.58 -10.48
CA HIS B 139 -24.86 29.89 -9.81
C HIS B 139 -23.60 29.97 -8.95
N LEU B 140 -23.31 28.91 -8.21
CA LEU B 140 -22.10 28.90 -7.39
C LEU B 140 -20.87 29.07 -8.26
N VAL B 141 -20.96 28.61 -9.50
CA VAL B 141 -19.86 28.72 -10.45
C VAL B 141 -19.63 30.16 -10.90
N THR B 142 -20.69 30.77 -11.45
CA THR B 142 -20.61 32.13 -11.98
C THR B 142 -20.46 33.19 -10.89
N GLU B 143 -21.08 32.96 -9.74
CA GLU B 143 -21.06 33.92 -8.65
C GLU B 143 -19.82 33.79 -7.76
N TYR B 144 -19.40 32.56 -7.48
CA TYR B 144 -18.35 32.33 -6.49
C TYR B 144 -17.06 31.73 -7.01
N GLY B 145 -17.08 31.17 -8.22
CA GLY B 145 -15.92 30.48 -8.74
C GLY B 145 -15.93 29.01 -8.38
N GLY B 146 -17.12 28.48 -8.08
CA GLY B 146 -17.25 27.09 -7.67
C GLY B 146 -16.37 26.80 -6.46
N PHE B 147 -15.89 25.55 -6.38
CA PHE B 147 -15.07 25.14 -5.24
C PHE B 147 -13.65 25.71 -5.20
N THR B 148 -13.38 26.72 -6.01
CA THR B 148 -12.13 27.46 -5.87
C THR B 148 -12.33 28.50 -4.77
N ASN B 149 -13.53 28.56 -4.21
CA ASN B 149 -13.87 29.56 -3.19
C ASN B 149 -14.15 28.90 -1.84
N ARG B 150 -13.40 29.28 -0.81
CA ARG B 150 -13.57 28.71 0.53
C ARG B 150 -15.01 28.79 1.02
N LYS B 151 -15.73 29.85 0.65
CA LYS B 151 -17.13 30.03 1.06
C LYS B 151 -18.04 28.88 0.62
N VAL B 152 -17.71 28.27 -0.52
CA VAL B 152 -18.53 27.22 -1.07
C VAL B 152 -18.51 25.97 -0.18
N ILE B 153 -17.47 25.83 0.62
CA ILE B 153 -17.42 24.79 1.63
C ILE B 153 -18.66 24.88 2.51
N ASP B 154 -18.92 26.09 3.00
CA ASP B 154 -20.11 26.34 3.81
C ASP B 154 -21.42 25.97 3.11
N PHE B 155 -21.53 26.31 1.83
CA PHE B 155 -22.72 25.98 1.05
C PHE B 155 -22.95 24.46 0.96
N PHE B 156 -21.86 23.72 0.75
CA PHE B 156 -21.99 22.27 0.66
C PHE B 156 -22.41 21.68 2.00
N VAL B 157 -21.79 22.15 3.08
CA VAL B 157 -22.07 21.63 4.41
C VAL B 157 -23.50 21.92 4.83
N HIS B 158 -23.99 23.09 4.45
CA HIS B 158 -25.39 23.45 4.66
C HIS B 158 -26.27 22.42 3.96
N PHE B 159 -25.99 22.19 2.68
CA PHE B 159 -26.77 21.25 1.88
C PHE B 159 -26.75 19.83 2.49
N ALA B 160 -25.57 19.41 2.96
CA ALA B 160 -25.43 18.07 3.54
C ALA B 160 -26.22 17.92 4.86
N GLU B 161 -26.09 18.90 5.75
CA GLU B 161 -26.81 18.84 7.02
C GLU B 161 -28.32 18.76 6.80
N VAL B 162 -28.81 19.55 5.86
CA VAL B 162 -30.24 19.54 5.52
C VAL B 162 -30.66 18.14 5.06
N CYS B 163 -29.84 17.52 4.23
CA CYS B 163 -30.13 16.18 3.73
C CYS B 163 -30.06 15.13 4.83
N PHE B 164 -28.97 15.15 5.60
CA PHE B 164 -28.85 14.23 6.74
C PHE B 164 -30.05 14.32 7.66
N ARG B 165 -30.44 15.55 7.99
CA ARG B 165 -31.55 15.77 8.93
C ARG B 165 -32.86 15.24 8.35
N ARG B 166 -33.17 15.62 7.12
CA ARG B 166 -34.42 15.21 6.50
C ARG B 166 -34.52 13.69 6.30
N TYR B 167 -33.39 13.05 5.96
CA TYR B 167 -33.45 11.62 5.60
C TYR B 167 -32.72 10.72 6.60
N LYS B 168 -32.53 11.23 7.82
CA LYS B 168 -31.77 10.50 8.84
C LYS B 168 -32.36 9.12 9.19
N ASP B 169 -33.64 8.92 8.94
CA ASP B 169 -34.27 7.61 9.20
C ASP B 169 -34.69 6.88 7.93
N LYS B 170 -34.29 7.39 6.78
CA LYS B 170 -34.64 6.77 5.50
C LYS B 170 -33.43 6.26 4.71
N VAL B 171 -32.29 6.93 4.90
CA VAL B 171 -31.07 6.58 4.15
C VAL B 171 -29.95 6.18 5.11
N LYS B 172 -29.46 4.95 4.97
CA LYS B 172 -28.40 4.42 5.84
C LYS B 172 -26.99 4.63 5.27
N TYR B 173 -26.91 4.78 3.96
CA TYR B 173 -25.64 4.75 3.24
C TYR B 173 -25.49 6.03 2.44
N TRP B 174 -24.44 6.78 2.76
CA TRP B 174 -24.17 8.08 2.15
C TRP B 174 -22.75 8.15 1.62
N MSE B 175 -22.52 9.01 0.62
CA MSE B 175 -21.17 9.37 0.19
C MSE B 175 -21.15 10.87 -0.10
O MSE B 175 -22.18 11.45 -0.46
CB MSE B 175 -20.77 8.60 -1.06
CG MSE B 175 -20.32 7.17 -0.77
SE MSE B 175 -20.30 6.11 -2.38
CE MSE B 175 -22.23 5.78 -2.49
N THR B 176 -19.99 11.48 0.03
CA THR B 176 -19.90 12.93 -0.13
C THR B 176 -19.68 13.37 -1.58
N PHE B 177 -18.49 13.16 -2.11
CA PHE B 177 -18.18 13.66 -3.44
C PHE B 177 -17.90 12.56 -4.44
N ASN B 178 -18.77 12.41 -5.43
CA ASN B 178 -18.56 11.40 -6.47
C ASN B 178 -17.20 11.51 -7.17
N GLU B 179 -16.51 10.39 -7.31
CA GLU B 179 -15.25 10.34 -8.04
C GLU B 179 -14.40 11.60 -7.83
N ILE B 180 -14.14 11.92 -6.58
CA ILE B 180 -13.48 13.18 -6.23
C ILE B 180 -12.11 13.35 -6.91
N ASN B 181 -11.46 12.21 -7.20
CA ASN B 181 -10.13 12.18 -7.79
C ASN B 181 -10.07 12.30 -9.32
N ASN B 182 -11.23 12.34 -9.98
CA ASN B 182 -11.22 12.52 -11.44
C ASN B 182 -10.35 13.70 -11.86
N GLN B 183 -10.38 14.76 -11.07
CA GLN B 183 -9.63 15.98 -11.38
C GLN B 183 -8.09 15.85 -11.29
N ALA B 184 -7.59 14.68 -10.88
CA ALA B 184 -6.15 14.40 -10.99
C ALA B 184 -5.72 14.61 -12.44
N ASN B 185 -6.67 14.39 -13.36
CA ASN B 185 -6.50 14.82 -14.74
C ASN B 185 -6.99 16.25 -14.88
N TYR B 186 -6.07 17.19 -14.71
CA TYR B 186 -6.41 18.61 -14.78
C TYR B 186 -6.21 19.16 -16.20
N GLN B 187 -5.60 18.34 -17.06
CA GLN B 187 -5.21 18.80 -18.40
C GLN B 187 -6.42 19.06 -19.29
N GLU B 188 -7.48 18.28 -19.10
CA GLU B 188 -8.72 18.48 -19.83
C GLU B 188 -9.74 19.18 -18.95
N ASP B 189 -10.76 19.80 -19.56
CA ASP B 189 -11.73 20.58 -18.83
C ASP B 189 -12.75 19.77 -18.03
N PHE B 190 -13.04 18.55 -18.48
CA PHE B 190 -14.17 17.78 -17.97
C PHE B 190 -14.22 17.62 -16.45
N ALA B 191 -13.18 17.03 -15.88
CA ALA B 191 -13.19 16.72 -14.45
C ALA B 191 -13.18 17.98 -13.57
N PRO B 192 -12.29 18.95 -13.88
CA PRO B 192 -12.30 20.20 -13.09
C PRO B 192 -13.67 20.89 -13.08
N PHE B 193 -14.38 20.83 -14.20
CA PHE B 193 -15.67 21.49 -14.27
C PHE B 193 -16.75 20.70 -13.51
N THR B 194 -16.77 19.38 -13.71
CA THR B 194 -17.77 18.52 -13.08
C THR B 194 -17.50 18.18 -11.61
N ASN B 195 -16.22 18.02 -11.24
CA ASN B 195 -15.89 17.75 -9.86
C ASN B 195 -16.07 19.01 -9.00
N SER B 196 -15.74 20.16 -9.57
CA SER B 196 -15.41 21.32 -8.74
C SER B 196 -15.99 22.66 -9.19
N GLY B 197 -16.63 22.68 -10.36
CA GLY B 197 -17.18 23.92 -10.88
C GLY B 197 -16.08 24.90 -11.23
N ILE B 198 -14.98 24.36 -11.77
CA ILE B 198 -13.88 25.20 -12.22
C ILE B 198 -14.04 25.53 -13.70
N VAL B 199 -14.04 26.82 -14.01
CA VAL B 199 -13.94 27.28 -15.39
C VAL B 199 -12.60 27.99 -15.58
N TYR B 200 -11.74 27.41 -16.41
CA TYR B 200 -10.40 27.96 -16.59
C TYR B 200 -10.39 29.14 -17.56
N LYS B 201 -9.57 30.14 -17.23
CA LYS B 201 -9.29 31.24 -18.13
C LYS B 201 -7.89 31.03 -18.71
N GLU B 202 -7.53 31.79 -19.73
CA GLU B 202 -6.22 31.66 -20.35
C GLU B 202 -5.13 32.08 -19.37
N GLY B 203 -4.08 31.26 -19.27
CA GLY B 203 -2.96 31.59 -18.41
C GLY B 203 -3.09 31.07 -16.99
N ASP B 204 -4.22 30.45 -16.68
CA ASP B 204 -4.44 29.87 -15.37
C ASP B 204 -3.46 28.74 -15.11
N ASP B 205 -3.01 28.64 -13.86
CA ASP B 205 -2.26 27.48 -13.43
C ASP B 205 -3.29 26.40 -13.12
N ARG B 206 -3.63 25.61 -14.12
CA ARG B 206 -4.71 24.62 -14.03
C ARG B 206 -4.53 23.66 -12.86
N GLU B 207 -3.30 23.20 -12.67
CA GLU B 207 -2.99 22.25 -11.62
C GLU B 207 -3.13 22.85 -10.21
N ALA B 208 -2.65 24.07 -10.02
CA ALA B 208 -2.71 24.70 -8.71
C ALA B 208 -4.16 24.95 -8.31
N ILE B 209 -4.97 25.37 -9.27
CA ILE B 209 -6.39 25.58 -9.05
C ILE B 209 -7.07 24.27 -8.68
N MSE B 210 -6.77 23.21 -9.42
CA MSE B 210 -7.33 21.91 -9.09
C MSE B 210 -7.02 21.52 -7.63
O MSE B 210 -7.92 21.15 -6.89
CB MSE B 210 -6.86 20.82 -10.07
CG MSE B 210 -7.45 19.45 -9.81
SE MSE B 210 -6.56 18.47 -8.37
CE MSE B 210 -4.90 18.04 -9.30
N TYR B 211 -5.75 21.60 -7.23
CA TYR B 211 -5.40 21.21 -5.86
C TYR B 211 -6.14 22.02 -4.80
N GLN B 212 -6.32 23.31 -5.05
CA GLN B 212 -7.06 24.17 -4.12
C GLN B 212 -8.52 23.74 -3.97
N ALA B 213 -9.15 23.47 -5.10
CA ALA B 213 -10.56 23.05 -5.09
C ALA B 213 -10.73 21.68 -4.44
N ALA B 214 -9.83 20.75 -4.77
CA ALA B 214 -9.86 19.42 -4.15
C ALA B 214 -9.68 19.56 -2.64
N HIS B 215 -8.80 20.46 -2.22
CA HIS B 215 -8.59 20.66 -0.79
C HIS B 215 -9.87 21.14 -0.10
N TYR B 216 -10.52 22.14 -0.68
CA TYR B 216 -11.78 22.63 -0.12
C TYR B 216 -12.85 21.53 -0.08
N GLU B 217 -12.88 20.68 -1.09
CA GLU B 217 -13.84 19.57 -1.12
C GLU B 217 -13.55 18.54 -0.04
N LEU B 218 -12.27 18.21 0.13
CA LEU B 218 -11.86 17.27 1.17
C LEU B 218 -12.26 17.80 2.55
N VAL B 219 -12.07 19.11 2.76
CA VAL B 219 -12.44 19.70 4.04
C VAL B 219 -13.98 19.70 4.21
N ALA B 220 -14.69 20.05 3.14
CA ALA B 220 -16.15 20.00 3.16
C ALA B 220 -16.64 18.58 3.47
N SER B 221 -16.00 17.59 2.85
CA SER B 221 -16.37 16.21 3.10
C SER B 221 -16.21 15.85 4.58
N ALA B 222 -15.05 16.16 5.13
CA ALA B 222 -14.81 15.85 6.54
C ALA B 222 -15.78 16.57 7.47
N ARG B 223 -16.09 17.83 7.16
CA ARG B 223 -17.02 18.58 8.00
C ARG B 223 -18.40 17.94 7.91
N ALA B 224 -18.78 17.51 6.71
CA ALA B 224 -20.06 16.83 6.50
C ALA B 224 -20.13 15.50 7.25
N VAL B 225 -19.04 14.75 7.22
CA VAL B 225 -19.03 13.46 7.91
C VAL B 225 -19.31 13.65 9.40
N LYS B 226 -18.61 14.59 10.03
CA LYS B 226 -18.80 14.84 11.45
C LYS B 226 -20.25 15.23 11.76
N ILE B 227 -20.81 16.12 10.96
CA ILE B 227 -22.18 16.60 11.17
C ILE B 227 -23.18 15.47 10.98
N GLY B 228 -22.94 14.64 9.96
CA GLY B 228 -23.81 13.52 9.68
C GLY B 228 -23.92 12.60 10.88
N HIS B 229 -22.78 12.24 11.46
CA HIS B 229 -22.78 11.34 12.62
C HIS B 229 -23.37 11.99 13.86
N ALA B 230 -23.25 13.30 13.96
CA ALA B 230 -23.85 14.02 15.09
C ALA B 230 -25.37 13.95 15.01
N ILE B 231 -25.88 13.95 13.78
CA ILE B 231 -27.31 13.89 13.53
C ILE B 231 -27.86 12.49 13.76
N ASN B 232 -27.10 11.48 13.35
CA ASN B 232 -27.46 10.09 13.55
C ASN B 232 -26.19 9.23 13.52
N PRO B 233 -25.72 8.79 14.69
CA PRO B 233 -24.46 8.07 14.83
C PRO B 233 -24.42 6.79 14.02
N ASN B 234 -25.58 6.31 13.58
CA ASN B 234 -25.65 5.05 12.86
C ASN B 234 -25.39 5.17 11.38
N LEU B 235 -25.38 6.41 10.87
CA LEU B 235 -25.21 6.63 9.43
C LEU B 235 -23.87 6.12 8.95
N ASN B 236 -23.88 5.46 7.80
CA ASN B 236 -22.64 5.04 7.17
C ASN B 236 -22.27 6.06 6.12
N ILE B 237 -21.18 6.79 6.34
CA ILE B 237 -20.80 7.87 5.44
C ILE B 237 -19.43 7.62 4.85
N GLY B 238 -19.38 7.48 3.53
CA GLY B 238 -18.17 7.06 2.85
C GLY B 238 -17.67 8.09 1.86
N CYS B 239 -16.46 7.86 1.34
CA CYS B 239 -15.94 8.65 0.24
C CYS B 239 -16.29 7.94 -1.05
N MSE B 240 -15.99 8.56 -2.18
CA MSE B 240 -16.18 7.89 -3.46
C MSE B 240 -15.00 8.27 -4.36
O MSE B 240 -14.83 9.44 -4.67
CB MSE B 240 -17.51 8.31 -4.10
CG MSE B 240 -18.08 7.32 -5.12
SE MSE B 240 -16.90 7.04 -6.63
CE MSE B 240 -18.26 6.48 -7.96
N VAL B 241 -14.21 7.27 -4.74
CA VAL B 241 -13.11 7.50 -5.69
C VAL B 241 -13.25 6.65 -6.95
N ALA B 242 -12.82 7.20 -8.08
CA ALA B 242 -12.75 6.43 -9.32
C ALA B 242 -11.49 5.56 -9.28
N MSE B 243 -11.66 4.25 -9.23
CA MSE B 243 -10.51 3.37 -9.11
C MSE B 243 -10.11 2.78 -10.46
O MSE B 243 -10.69 1.80 -10.92
CB MSE B 243 -10.74 2.25 -8.08
CG MSE B 243 -9.60 1.23 -8.00
SE MSE B 243 -7.77 2.00 -7.95
CE MSE B 243 -6.97 0.74 -6.68
N CYS B 244 -9.12 3.39 -11.08
CA CYS B 244 -8.50 2.81 -12.27
C CYS B 244 -7.10 2.44 -11.87
N PRO B 245 -6.85 1.15 -11.62
CA PRO B 245 -5.47 0.80 -11.25
C PRO B 245 -4.49 1.16 -12.35
N ILE B 246 -3.27 1.55 -11.97
CA ILE B 246 -2.27 1.94 -12.94
C ILE B 246 -1.11 0.97 -12.87
N TYR B 247 -0.97 0.14 -13.90
CA TYR B 247 0.05 -0.88 -13.94
C TYR B 247 1.35 -0.35 -14.57
N PRO B 248 2.50 -0.77 -14.04
CA PRO B 248 3.73 -0.51 -14.81
C PRO B 248 3.75 -1.33 -16.10
N ALA B 249 4.22 -0.73 -17.18
CA ALA B 249 4.24 -1.46 -18.45
C ALA B 249 5.14 -2.70 -18.39
N THR B 250 6.28 -2.55 -17.72
CA THR B 250 7.27 -3.61 -17.59
C THR B 250 7.91 -3.57 -16.19
N CYS B 251 8.82 -4.51 -15.92
CA CYS B 251 9.55 -4.52 -14.66
C CYS B 251 10.79 -3.60 -14.64
N ASN B 252 10.94 -2.77 -15.66
CA ASN B 252 11.95 -1.72 -15.61
C ASN B 252 11.68 -0.87 -14.38
N PRO B 253 12.67 -0.71 -13.50
CA PRO B 253 12.44 0.04 -12.25
C PRO B 253 11.85 1.42 -12.51
N LYS B 254 12.18 2.03 -13.66
CA LYS B 254 11.61 3.33 -14.01
C LYS B 254 10.09 3.27 -14.23
N ASP B 255 9.62 2.22 -14.91
CA ASP B 255 8.18 2.02 -15.09
C ASP B 255 7.53 1.77 -13.74
N ILE B 256 8.20 0.99 -12.91
CA ILE B 256 7.69 0.69 -11.57
C ILE B 256 7.48 1.98 -10.78
N LEU B 257 8.47 2.87 -10.79
CA LEU B 257 8.38 4.12 -10.05
C LEU B 257 7.29 5.03 -10.63
N MSE B 258 7.21 5.12 -11.96
CA MSE B 258 6.11 5.89 -12.57
C MSE B 258 4.73 5.44 -12.09
O MSE B 258 3.86 6.27 -11.83
CB MSE B 258 6.15 5.80 -14.11
CG MSE B 258 7.19 6.69 -14.75
SE MSE B 258 6.89 8.60 -14.46
CE MSE B 258 5.28 8.83 -15.53
N ALA B 259 4.51 4.14 -11.98
CA ALA B 259 3.21 3.63 -11.61
C ALA B 259 2.94 3.94 -10.14
N GLN B 260 3.95 3.77 -9.30
CA GLN B 260 3.79 4.06 -7.88
C GLN B 260 3.45 5.53 -7.69
N LYS B 261 4.20 6.39 -8.37
CA LYS B 261 4.01 7.83 -8.21
C LYS B 261 2.70 8.32 -8.84
N ALA B 262 2.24 7.65 -9.90
CA ALA B 262 0.97 8.01 -10.52
C ALA B 262 -0.19 7.66 -9.59
N MSE B 263 -0.12 6.49 -8.96
CA MSE B 263 -1.14 6.09 -8.02
C MSE B 263 -1.15 7.00 -6.79
O MSE B 263 -2.22 7.32 -6.24
CB MSE B 263 -1.00 4.60 -7.63
CG MSE B 263 -1.08 3.68 -8.83
SE MSE B 263 -1.95 1.95 -8.47
CE MSE B 263 -3.55 2.57 -7.61
N GLN B 264 0.03 7.45 -6.36
CA GLN B 264 0.09 8.42 -5.28
C GLN B 264 -0.69 9.70 -5.63
N LYS B 265 -0.50 10.20 -6.85
CA LYS B 265 -1.15 11.44 -7.26
C LYS B 265 -2.65 11.26 -7.49
N ARG B 266 -3.04 10.09 -7.98
CA ARG B 266 -4.44 9.90 -8.32
C ARG B 266 -5.26 9.48 -7.10
N TYR B 267 -4.61 8.98 -6.06
CA TYR B 267 -5.35 8.45 -4.92
C TYR B 267 -5.02 9.09 -3.57
N TYR B 268 -4.28 10.21 -3.58
CA TYR B 268 -4.05 10.89 -2.31
C TYR B 268 -5.37 11.31 -1.67
N PHE B 269 -6.38 11.56 -2.49
CA PHE B 269 -7.71 11.89 -1.98
C PHE B 269 -8.17 10.81 -0.99
N ALA B 270 -7.92 9.56 -1.33
CA ALA B 270 -8.31 8.45 -0.47
C ALA B 270 -7.55 8.48 0.84
N ASP B 271 -6.25 8.78 0.78
CA ASP B 271 -5.46 8.92 1.99
C ASP B 271 -6.08 9.96 2.92
N VAL B 272 -6.46 11.11 2.36
CA VAL B 272 -7.04 12.16 3.18
C VAL B 272 -8.38 11.74 3.77
N HIS B 273 -9.26 11.18 2.92
CA HIS B 273 -10.55 10.69 3.35
C HIS B 273 -10.43 9.66 4.47
N VAL B 274 -9.43 8.80 4.37
CA VAL B 274 -9.34 7.64 5.26
C VAL B 274 -8.46 7.89 6.49
N HIS B 275 -7.25 8.39 6.26
CA HIS B 275 -6.28 8.60 7.34
C HIS B 275 -6.50 9.92 8.04
N GLY B 276 -7.10 10.87 7.33
CA GLY B 276 -7.40 12.18 7.90
C GLY B 276 -6.25 13.16 7.80
N PHE B 277 -5.21 12.82 7.02
CA PHE B 277 -4.13 13.76 6.75
C PHE B 277 -3.54 13.53 5.36
N TYR B 278 -2.96 14.58 4.79
CA TYR B 278 -2.28 14.49 3.50
C TYR B 278 -0.97 13.72 3.60
N PRO B 279 -0.67 12.94 2.56
CA PRO B 279 0.66 12.31 2.45
C PRO B 279 1.71 13.39 2.22
N GLU B 280 2.91 13.17 2.74
CA GLU B 280 3.97 14.18 2.64
C GLU B 280 4.42 14.41 1.19
N HIS B 281 4.28 13.41 0.34
CA HIS B 281 4.71 13.57 -1.05
C HIS B 281 3.89 14.63 -1.78
N ILE B 282 2.66 14.86 -1.32
CA ILE B 282 1.86 15.91 -1.91
C ILE B 282 2.41 17.28 -1.51
N PHE B 283 2.75 17.44 -0.24
CA PHE B 283 3.32 18.70 0.24
C PHE B 283 4.63 19.01 -0.47
N LYS B 284 5.47 17.99 -0.63
CA LYS B 284 6.74 18.13 -1.33
C LYS B 284 6.53 18.54 -2.77
N TYR B 285 5.51 17.96 -3.39
CA TYR B 285 5.17 18.25 -4.78
C TYR B 285 4.75 19.70 -4.96
N TRP B 286 3.87 20.17 -4.07
CA TRP B 286 3.44 21.56 -4.11
C TRP B 286 4.65 22.48 -3.94
N GLU B 287 5.51 22.15 -2.99
CA GLU B 287 6.71 22.95 -2.74
C GLU B 287 7.52 23.12 -4.02
N ARG B 288 7.71 22.04 -4.76
CA ARG B 288 8.46 22.07 -6.01
CA ARG B 288 8.45 22.06 -6.02
C ARG B 288 7.77 22.94 -7.05
N LYS B 289 6.51 22.63 -7.33
CA LYS B 289 5.72 23.32 -8.35
C LYS B 289 5.39 24.74 -7.93
N ALA B 290 5.81 25.11 -6.72
CA ALA B 290 5.43 26.40 -6.14
C ALA B 290 3.92 26.56 -6.16
N ILE B 291 3.22 25.49 -5.81
CA ILE B 291 1.77 25.55 -5.67
C ILE B 291 1.44 25.96 -4.26
N LYS B 292 0.75 27.08 -4.11
CA LYS B 292 0.42 27.60 -2.79
C LYS B 292 -1.04 27.31 -2.52
N VAL B 293 -1.30 26.60 -1.43
CA VAL B 293 -2.68 26.25 -1.10
C VAL B 293 -3.13 26.89 0.20
N ASP B 294 -4.32 27.48 0.16
CA ASP B 294 -4.98 27.98 1.36
C ASP B 294 -5.38 26.78 2.22
N PHE B 295 -4.53 26.47 3.20
CA PHE B 295 -4.69 25.25 4.00
C PHE B 295 -4.42 25.64 5.44
N THR B 296 -5.48 25.73 6.25
CA THR B 296 -5.33 26.21 7.62
C THR B 296 -5.11 25.09 8.63
N GLU B 297 -4.72 25.49 9.84
CA GLU B 297 -4.68 24.56 10.96
C GLU B 297 -6.08 24.01 11.25
N ARG B 298 -7.09 24.87 11.20
CA ARG B 298 -8.47 24.38 11.38
C ARG B 298 -8.84 23.32 10.32
N ASP B 299 -8.44 23.54 9.07
CA ASP B 299 -8.62 22.52 8.03
C ASP B 299 -8.02 21.20 8.48
N LYS B 300 -6.80 21.24 9.02
CA LYS B 300 -6.08 20.03 9.43
C LYS B 300 -6.87 19.27 10.47
N LYS B 301 -7.40 20.00 11.46
CA LYS B 301 -8.24 19.38 12.47
C LYS B 301 -9.52 18.80 11.87
N ASP B 302 -10.20 19.55 11.01
CA ASP B 302 -11.43 19.07 10.39
C ASP B 302 -11.20 17.74 9.67
N LEU B 303 -10.12 17.67 8.89
CA LEU B 303 -9.81 16.48 8.11
C LEU B 303 -9.57 15.28 9.02
N PHE B 304 -8.88 15.51 10.13
CA PHE B 304 -8.55 14.43 11.04
C PHE B 304 -9.78 13.91 11.78
N GLU B 305 -10.75 14.78 11.99
CA GLU B 305 -11.98 14.47 12.72
C GLU B 305 -13.15 13.99 11.84
N GLY B 306 -12.97 14.03 10.52
CA GLY B 306 -14.04 13.68 9.60
C GLY B 306 -13.67 12.58 8.62
N THR B 307 -12.91 11.59 9.08
CA THR B 307 -12.56 10.45 8.23
C THR B 307 -13.79 9.56 7.98
N VAL B 308 -13.78 8.81 6.89
CA VAL B 308 -14.98 8.10 6.43
C VAL B 308 -15.14 6.69 7.02
N ASP B 309 -16.36 6.16 6.94
CA ASP B 309 -16.64 4.81 7.45
C ASP B 309 -16.30 3.73 6.43
N TYR B 310 -16.37 4.08 5.16
CA TYR B 310 -16.11 3.10 4.11
C TYR B 310 -15.66 3.80 2.84
N ILE B 311 -15.13 3.00 1.92
CA ILE B 311 -14.71 3.53 0.64
C ILE B 311 -15.64 3.02 -0.44
N GLY B 312 -16.39 3.94 -1.04
CA GLY B 312 -17.14 3.57 -2.22
C GLY B 312 -16.26 3.84 -3.41
N PHE B 313 -16.35 3.01 -4.44
CA PHE B 313 -15.55 3.27 -5.64
C PHE B 313 -16.20 2.81 -6.93
N SER B 314 -15.83 3.47 -8.01
CA SER B 314 -16.22 2.98 -9.33
C SER B 314 -15.06 2.17 -9.91
N TYR B 315 -15.41 1.11 -10.64
CA TYR B 315 -14.42 0.36 -11.40
C TYR B 315 -14.95 0.01 -12.79
N TYR B 316 -14.24 0.44 -13.82
CA TYR B 316 -14.58 0.11 -15.21
C TYR B 316 -13.39 -0.47 -15.96
N MSE B 317 -12.18 -0.08 -15.56
CA MSE B 317 -11.01 -0.33 -16.37
C MSE B 317 -9.73 -0.15 -15.58
O MSE B 317 -9.75 0.42 -14.49
CB MSE B 317 -10.98 0.64 -17.54
CG MSE B 317 -10.62 2.06 -17.14
SE MSE B 317 -11.28 3.39 -18.44
CE MSE B 317 -12.63 4.22 -17.32
N SER B 318 -8.62 -0.62 -16.15
CA SER B 318 -7.30 -0.31 -15.65
C SER B 318 -6.48 0.43 -16.72
N PHE B 319 -5.36 1.02 -16.29
CA PHE B 319 -4.45 1.76 -17.16
C PHE B 319 -3.08 1.10 -17.11
N VAL B 320 -2.22 1.48 -18.05
CA VAL B 320 -0.80 1.11 -17.98
C VAL B 320 0.02 2.38 -18.16
N ILE B 321 1.13 2.47 -17.42
CA ILE B 321 1.99 3.64 -17.53
C ILE B 321 3.43 3.19 -17.81
N ASP B 322 4.19 4.06 -18.47
CA ASP B 322 5.61 3.80 -18.61
C ASP B 322 6.39 5.10 -18.48
N ALA B 323 7.71 5.01 -18.54
CA ALA B 323 8.55 6.17 -18.31
C ALA B 323 9.11 6.72 -19.61
N HIS B 324 8.34 6.56 -20.70
CA HIS B 324 8.83 6.93 -22.03
C HIS B 324 8.96 8.45 -22.18
N ARG B 325 8.14 9.21 -21.47
CA ARG B 325 8.16 10.66 -21.64
C ARG B 325 9.48 11.26 -21.18
N GLU B 326 10.13 11.98 -22.09
CA GLU B 326 11.43 12.57 -21.79
C GLU B 326 11.27 13.84 -20.95
N ASN B 327 12.38 14.30 -20.39
CA ASN B 327 12.37 15.57 -19.65
C ASN B 327 11.39 15.54 -18.48
N ASN B 328 11.28 14.39 -17.84
CA ASN B 328 10.40 14.22 -16.68
C ASN B 328 11.19 13.65 -15.51
N PRO B 329 12.23 14.38 -15.07
CA PRO B 329 13.17 13.84 -14.07
C PRO B 329 12.54 13.66 -12.69
N TYR B 330 11.45 14.38 -12.39
CA TYR B 330 10.79 14.24 -11.10
C TYR B 330 9.66 13.22 -11.14
N TYR B 331 9.52 12.54 -12.27
CA TYR B 331 8.48 11.51 -12.39
C TYR B 331 7.08 12.05 -12.14
N ASP B 332 6.79 13.22 -12.71
CA ASP B 332 5.44 13.79 -12.70
C ASP B 332 4.48 12.84 -13.42
N TYR B 333 3.19 12.95 -13.11
CA TYR B 333 2.17 12.13 -13.77
C TYR B 333 1.21 12.98 -14.59
N LEU B 334 1.22 12.75 -15.91
CA LEU B 334 0.26 13.37 -16.81
C LEU B 334 -0.68 12.30 -17.33
N GLU B 335 -1.90 12.26 -16.80
CA GLU B 335 -2.88 11.27 -17.21
C GLU B 335 -3.07 11.26 -18.72
N THR B 336 -2.85 12.41 -19.35
CA THR B 336 -3.07 12.54 -20.78
C THR B 336 -1.85 12.21 -21.65
N GLU B 337 -0.71 11.90 -21.04
CA GLU B 337 0.52 11.71 -21.82
C GLU B 337 1.34 10.46 -21.48
N ASP B 338 1.24 9.99 -20.24
CA ASP B 338 2.10 8.91 -19.76
C ASP B 338 1.49 7.51 -19.92
N LEU B 339 0.21 7.44 -20.25
CA LEU B 339 -0.48 6.17 -20.30
C LEU B 339 -0.33 5.49 -21.64
N VAL B 340 -0.29 4.16 -21.63
CA VAL B 340 -0.17 3.39 -22.86
C VAL B 340 -1.17 2.24 -22.84
N LYS B 341 -1.38 1.61 -23.98
CA LYS B 341 -2.39 0.56 -24.05
C LYS B 341 -1.83 -0.75 -23.49
N ASN B 342 -2.69 -1.50 -22.79
CA ASN B 342 -2.31 -2.80 -22.27
C ASN B 342 -2.55 -3.88 -23.34
N PRO B 343 -1.48 -4.52 -23.82
CA PRO B 343 -1.65 -5.47 -24.93
C PRO B 343 -2.30 -6.77 -24.49
N TYR B 344 -2.44 -6.96 -23.17
CA TYR B 344 -3.01 -8.20 -22.64
C TYR B 344 -4.52 -8.19 -22.47
N VAL B 345 -5.15 -7.04 -22.68
CA VAL B 345 -6.60 -6.98 -22.52
C VAL B 345 -7.32 -6.38 -23.74
N LYS B 346 -8.60 -6.68 -23.86
CA LYS B 346 -9.45 -6.06 -24.88
C LYS B 346 -10.03 -4.75 -24.34
N ALA B 347 -10.71 -4.00 -25.20
CA ALA B 347 -11.29 -2.72 -24.79
C ALA B 347 -12.69 -2.51 -25.40
N SER B 348 -13.52 -1.72 -24.73
CA SER B 348 -14.87 -1.42 -25.25
C SER B 348 -14.77 -0.50 -26.46
N ASP B 349 -15.92 -0.18 -27.04
CA ASP B 349 -15.96 0.68 -28.23
C ASP B 349 -15.64 2.13 -27.91
N TRP B 350 -15.65 2.48 -26.62
CA TRP B 350 -15.16 3.79 -26.20
C TRP B 350 -13.72 3.72 -25.65
N ASP B 351 -13.05 2.59 -25.95
CA ASP B 351 -11.63 2.39 -25.65
C ASP B 351 -11.34 2.20 -24.16
N TRP B 352 -12.36 1.78 -23.40
CA TRP B 352 -12.18 1.50 -21.98
C TRP B 352 -11.71 0.07 -21.82
N GLN B 353 -10.52 -0.12 -21.26
CA GLN B 353 -9.96 -1.46 -21.18
C GLN B 353 -10.77 -2.38 -20.28
N ILE B 354 -10.94 -3.62 -20.73
CA ILE B 354 -11.73 -4.60 -20.02
C ILE B 354 -10.79 -5.51 -19.25
N ASP B 355 -10.77 -5.37 -17.92
CA ASP B 355 -9.81 -6.03 -17.05
C ASP B 355 -10.49 -6.40 -15.74
N PRO B 356 -11.25 -7.51 -15.74
CA PRO B 356 -11.99 -7.84 -14.52
C PRO B 356 -11.04 -8.19 -13.38
N GLN B 357 -9.89 -8.80 -13.69
CA GLN B 357 -8.95 -9.15 -12.63
C GLN B 357 -8.43 -7.89 -11.91
N GLY B 358 -8.40 -6.78 -12.65
CA GLY B 358 -8.01 -5.51 -12.07
C GLY B 358 -8.90 -5.08 -10.91
N LEU B 359 -10.14 -5.59 -10.90
CA LEU B 359 -11.05 -5.28 -9.80
C LEU B 359 -10.60 -6.05 -8.56
N ARG B 360 -10.12 -7.27 -8.73
CA ARG B 360 -9.57 -7.99 -7.59
C ARG B 360 -8.32 -7.29 -7.03
N TYR B 361 -7.46 -6.84 -7.94
CA TYR B 361 -6.29 -6.06 -7.52
C TYR B 361 -6.77 -4.83 -6.73
N ALA B 362 -7.76 -4.13 -7.27
CA ALA B 362 -8.24 -2.89 -6.64
C ALA B 362 -8.82 -3.13 -5.24
N LEU B 363 -9.59 -4.20 -5.09
CA LEU B 363 -10.16 -4.54 -3.79
C LEU B 363 -9.07 -4.87 -2.77
N ASN B 364 -8.06 -5.60 -3.21
CA ASN B 364 -6.92 -5.89 -2.33
C ASN B 364 -6.12 -4.64 -2.01
N TRP B 365 -5.99 -3.75 -2.99
CA TRP B 365 -5.17 -2.56 -2.82
C TRP B 365 -5.81 -1.64 -1.77
N PHE B 366 -7.11 -1.38 -1.90
CA PHE B 366 -7.81 -0.59 -0.89
C PHE B 366 -7.75 -1.27 0.48
N THR B 367 -7.93 -2.58 0.50
CA THR B 367 -7.95 -3.28 1.78
C THR B 367 -6.59 -3.18 2.50
N ASP B 368 -5.52 -3.44 1.75
CA ASP B 368 -4.19 -3.44 2.33
C ASP B 368 -3.79 -2.05 2.77
N MSE B 369 -4.19 -1.02 2.02
CA MSE B 369 -3.81 0.37 2.35
C MSE B 369 -4.64 0.96 3.50
O MSE B 369 -4.11 1.72 4.31
CB MSE B 369 -3.98 1.28 1.13
CG MSE B 369 -2.91 1.10 0.06
SE MSE B 369 -1.24 2.01 0.53
CE MSE B 369 -1.83 3.81 0.09
N TYR B 370 -5.93 0.64 3.54
CA TYR B 370 -6.90 1.40 4.34
C TYR B 370 -7.67 0.61 5.40
N HIS B 371 -7.77 -0.70 5.24
CA HIS B 371 -8.44 -1.54 6.21
C HIS B 371 -9.86 -1.10 6.55
N LEU B 372 -10.58 -0.60 5.53
CA LEU B 372 -12.00 -0.25 5.68
C LEU B 372 -12.89 -1.13 4.81
N PRO B 373 -14.19 -1.20 5.17
CA PRO B 373 -15.12 -1.86 4.26
C PRO B 373 -15.19 -1.10 2.93
N LEU B 374 -15.49 -1.83 1.86
CA LEU B 374 -15.50 -1.26 0.51
C LEU B 374 -16.90 -1.44 -0.08
N PHE B 375 -17.25 -0.60 -1.03
CA PHE B 375 -18.57 -0.71 -1.69
C PHE B 375 -18.30 -0.42 -3.16
N ILE B 376 -18.54 -1.40 -4.03
CA ILE B 376 -18.40 -1.15 -5.46
C ILE B 376 -19.68 -0.45 -5.92
N VAL B 377 -19.60 0.87 -6.13
CA VAL B 377 -20.81 1.66 -6.40
C VAL B 377 -20.99 2.02 -7.87
N GLU B 378 -20.05 1.60 -8.71
CA GLU B 378 -20.24 1.62 -10.17
C GLU B 378 -19.39 0.54 -10.81
N ASN B 379 -19.95 -0.11 -11.83
CA ASN B 379 -19.24 -1.05 -12.69
C ASN B 379 -20.22 -1.26 -13.83
N GLY B 380 -19.75 -1.31 -15.06
CA GLY B 380 -20.69 -1.47 -16.17
C GLY B 380 -20.01 -1.44 -17.50
N PHE B 381 -20.74 -1.86 -18.52
CA PHE B 381 -20.21 -1.93 -19.87
C PHE B 381 -21.06 -1.09 -20.81
N GLY B 382 -20.54 0.06 -21.21
CA GLY B 382 -21.25 0.92 -22.15
C GLY B 382 -21.05 0.40 -23.56
N ALA B 383 -22.13 0.20 -24.27
CA ALA B 383 -22.08 -0.42 -25.58
C ALA B 383 -23.30 -0.01 -26.41
N ILE B 384 -23.17 -0.10 -27.72
CA ILE B 384 -24.33 0.12 -28.57
C ILE B 384 -25.25 -1.07 -28.42
N ASP B 385 -26.54 -0.81 -28.25
CA ASP B 385 -27.55 -1.86 -28.19
C ASP B 385 -28.42 -1.85 -29.44
N GLN B 386 -28.76 -3.05 -29.91
CA GLN B 386 -29.71 -3.21 -30.99
C GLN B 386 -30.88 -4.00 -30.44
N VAL B 387 -32.10 -3.54 -30.70
CA VAL B 387 -33.30 -4.27 -30.29
C VAL B 387 -33.61 -5.32 -31.35
N GLU B 388 -33.77 -6.57 -30.93
CA GLU B 388 -34.00 -7.66 -31.87
C GLU B 388 -35.46 -7.78 -32.29
N ALA B 389 -35.74 -8.71 -33.19
CA ALA B 389 -37.08 -8.88 -33.73
C ALA B 389 -38.12 -9.12 -32.64
N ASP B 390 -37.66 -9.68 -31.52
CA ASP B 390 -38.56 -10.04 -30.43
C ASP B 390 -38.82 -8.87 -29.48
N GLY B 391 -38.29 -7.69 -29.82
CA GLY B 391 -38.47 -6.49 -29.02
C GLY B 391 -37.56 -6.37 -27.81
N MSE B 392 -36.53 -7.20 -27.76
CA MSE B 392 -35.59 -7.19 -26.63
C MSE B 392 -34.15 -7.07 -27.12
O MSE B 392 -33.79 -7.62 -28.16
CB MSE B 392 -35.75 -8.46 -25.80
CG MSE B 392 -34.80 -8.57 -24.60
SE MSE B 392 -34.90 -10.31 -23.73
CE MSE B 392 -36.26 -9.90 -22.40
N VAL B 393 -33.32 -6.35 -26.35
CA VAL B 393 -31.89 -6.29 -26.57
C VAL B 393 -31.25 -7.55 -26.03
N HIS B 394 -30.50 -8.26 -26.87
CA HIS B 394 -29.78 -9.44 -26.43
C HIS B 394 -28.34 -9.09 -26.11
N ASP B 395 -28.15 -8.46 -24.95
CA ASP B 395 -26.86 -7.90 -24.57
C ASP B 395 -25.98 -8.91 -23.84
N ASP B 396 -25.63 -9.99 -24.53
CA ASP B 396 -24.78 -11.01 -23.94
C ASP B 396 -23.39 -10.44 -23.64
N TYR B 397 -22.98 -9.44 -24.43
CA TYR B 397 -21.71 -8.75 -24.17
C TYR B 397 -21.70 -8.08 -22.79
N ARG B 398 -22.84 -7.55 -22.39
CA ARG B 398 -22.96 -6.86 -21.10
C ARG B 398 -23.00 -7.87 -19.96
N ILE B 399 -23.77 -8.94 -20.16
CA ILE B 399 -23.76 -10.06 -19.21
C ILE B 399 -22.35 -10.60 -19.01
N ASP B 400 -21.63 -10.79 -20.11
CA ASP B 400 -20.25 -11.29 -20.04
C ASP B 400 -19.33 -10.36 -19.23
N TYR B 401 -19.39 -9.06 -19.52
CA TYR B 401 -18.58 -8.10 -18.79
C TYR B 401 -18.93 -8.13 -17.30
N LEU B 402 -20.20 -8.00 -16.96
CA LEU B 402 -20.59 -7.88 -15.57
C LEU B 402 -20.27 -9.16 -14.79
N GLY B 403 -20.58 -10.31 -15.38
CA GLY B 403 -20.30 -11.59 -14.76
C GLY B 403 -18.82 -11.79 -14.47
N ALA B 404 -17.99 -11.42 -15.43
CA ALA B 404 -16.53 -11.51 -15.25
C ALA B 404 -16.05 -10.69 -14.04
N HIS B 405 -16.65 -9.53 -13.84
CA HIS B 405 -16.24 -8.68 -12.72
C HIS B 405 -16.78 -9.23 -11.41
N ILE B 406 -18.01 -9.72 -11.44
CA ILE B 406 -18.62 -10.31 -10.25
C ILE B 406 -17.79 -11.51 -9.78
N LYS B 407 -17.32 -12.32 -10.74
CA LYS B 407 -16.50 -13.48 -10.44
C LYS B 407 -15.25 -13.07 -9.65
N GLU B 408 -14.64 -11.98 -10.08
CA GLU B 408 -13.40 -11.51 -9.45
C GLU B 408 -13.64 -10.90 -8.07
N MSE B 409 -14.76 -10.20 -7.90
CA MSE B 409 -15.04 -9.57 -6.62
C MSE B 409 -15.36 -10.65 -5.60
O MSE B 409 -15.03 -10.55 -4.41
CB MSE B 409 -16.16 -8.52 -6.73
CG MSE B 409 -17.54 -9.08 -6.55
SE MSE B 409 -18.87 -7.70 -6.86
CE MSE B 409 -20.42 -8.83 -6.64
N ILE B 410 -15.95 -11.74 -6.08
CA ILE B 410 -16.27 -12.85 -5.17
C ILE B 410 -14.99 -13.57 -4.70
N LYS B 411 -14.03 -13.77 -5.60
CA LYS B 411 -12.72 -14.30 -5.18
C LYS B 411 -12.06 -13.39 -4.14
N ALA B 412 -12.17 -12.08 -4.34
CA ALA B 412 -11.57 -11.14 -3.40
C ALA B 412 -12.16 -11.34 -2.01
N VAL B 413 -13.48 -11.56 -1.94
CA VAL B 413 -14.14 -11.80 -0.66
C VAL B 413 -13.80 -13.18 -0.11
N ASP B 414 -14.01 -14.20 -0.94
CA ASP B 414 -13.88 -15.60 -0.51
C ASP B 414 -12.43 -16.06 -0.29
N GLU B 415 -11.53 -15.66 -1.18
CA GLU B 415 -10.11 -16.07 -1.04
C GLU B 415 -9.23 -15.05 -0.34
N ASP B 416 -9.53 -13.77 -0.53
CA ASP B 416 -8.63 -12.71 -0.07
C ASP B 416 -9.11 -12.06 1.23
N GLY B 417 -10.37 -12.26 1.57
CA GLY B 417 -10.91 -11.74 2.82
C GLY B 417 -11.21 -10.25 2.86
N VAL B 418 -11.40 -9.62 1.70
CA VAL B 418 -11.76 -8.22 1.68
C VAL B 418 -13.18 -8.04 2.26
N GLU B 419 -13.43 -6.89 2.86
CA GLU B 419 -14.75 -6.60 3.39
C GLU B 419 -15.53 -5.84 2.34
N LEU B 420 -16.48 -6.51 1.68
CA LEU B 420 -17.19 -5.87 0.58
C LEU B 420 -18.67 -5.74 0.94
N MSE B 421 -19.20 -4.53 0.88
CA MSE B 421 -20.59 -4.25 1.35
C MSE B 421 -21.65 -4.59 0.31
O MSE B 421 -22.78 -4.99 0.65
CB MSE B 421 -20.71 -2.76 1.72
CG MSE B 421 -19.98 -2.34 2.99
SE MSE B 421 -19.75 -0.40 3.07
CE MSE B 421 -21.64 0.09 3.22
N GLY B 422 -21.32 -4.40 -0.95
CA GLY B 422 -22.32 -4.57 -2.00
C GLY B 422 -21.75 -4.19 -3.35
N TYR B 423 -22.62 -4.11 -4.34
CA TYR B 423 -22.21 -3.99 -5.73
C TYR B 423 -23.38 -3.41 -6.50
N THR B 424 -23.18 -2.25 -7.11
CA THR B 424 -24.26 -1.61 -7.86
C THR B 424 -23.81 -1.24 -9.28
N PRO B 425 -24.10 -2.11 -10.27
CA PRO B 425 -23.81 -1.78 -11.67
C PRO B 425 -24.31 -0.39 -12.06
N TRP B 426 -23.48 0.32 -12.83
CA TRP B 426 -23.79 1.68 -13.25
C TRP B 426 -24.83 1.74 -14.38
N GLY B 427 -25.69 2.74 -14.32
CA GLY B 427 -26.68 2.97 -15.35
C GLY B 427 -27.59 1.77 -15.54
N CYS B 428 -28.11 1.26 -14.42
CA CYS B 428 -28.93 0.04 -14.46
C CYS B 428 -30.16 0.23 -15.33
N ILE B 429 -30.61 1.49 -15.44
CA ILE B 429 -31.57 1.86 -16.47
C ILE B 429 -30.84 2.79 -17.45
N ASP B 430 -31.00 2.56 -18.75
CA ASP B 430 -30.34 3.42 -19.74
C ASP B 430 -30.48 4.89 -19.40
N LEU B 431 -29.38 5.62 -19.39
CA LEU B 431 -29.41 7.06 -19.11
C LEU B 431 -28.39 7.87 -19.92
N VAL B 432 -28.37 9.17 -19.69
CA VAL B 432 -27.45 10.06 -20.41
C VAL B 432 -26.03 9.87 -19.88
N SER B 433 -25.09 9.54 -20.76
CA SER B 433 -23.72 9.26 -20.32
C SER B 433 -23.02 10.56 -19.93
N ALA B 434 -21.98 10.42 -19.11
CA ALA B 434 -21.30 11.58 -18.54
C ALA B 434 -20.27 12.17 -19.49
N GLY B 435 -19.22 11.41 -19.76
CA GLY B 435 -18.14 11.89 -20.60
C GLY B 435 -18.60 12.46 -21.93
N THR B 436 -19.57 11.80 -22.56
CA THR B 436 -19.95 12.13 -23.92
C THR B 436 -21.36 12.68 -24.07
N GLY B 437 -22.19 12.51 -23.04
CA GLY B 437 -23.57 12.96 -23.10
C GLY B 437 -24.45 12.20 -24.09
N GLU B 438 -24.09 10.94 -24.36
CA GLU B 438 -24.78 10.12 -25.34
C GLU B 438 -25.87 9.24 -24.72
N MSE B 439 -26.92 8.94 -25.50
CA MSE B 439 -27.84 7.88 -25.13
C MSE B 439 -27.30 6.55 -25.64
O MSE B 439 -27.50 5.51 -25.03
CB MSE B 439 -29.25 8.11 -25.70
CG MSE B 439 -30.10 9.12 -24.95
SE MSE B 439 -30.56 8.63 -23.10
CE MSE B 439 -31.10 6.79 -23.40
N ARG B 440 -26.59 6.59 -26.76
CA ARG B 440 -26.19 5.36 -27.46
C ARG B 440 -25.14 4.56 -26.68
N LYS B 441 -24.41 5.22 -25.80
CA LYS B 441 -23.49 4.50 -24.93
C LYS B 441 -24.31 3.92 -23.79
N ARG B 442 -24.89 2.74 -24.02
CA ARG B 442 -25.88 2.20 -23.09
C ARG B 442 -25.28 1.26 -22.06
N TYR B 443 -25.80 1.36 -20.84
CA TYR B 443 -25.33 0.57 -19.70
C TYR B 443 -26.40 -0.35 -19.08
N GLY B 444 -27.66 -0.10 -19.42
CA GLY B 444 -28.77 -0.62 -18.64
C GLY B 444 -29.12 -2.09 -18.73
N PHE B 445 -29.79 -2.58 -17.69
CA PHE B 445 -30.55 -3.81 -17.76
C PHE B 445 -31.91 -3.49 -18.38
N ILE B 446 -32.24 -2.20 -18.37
CA ILE B 446 -33.50 -1.69 -18.87
C ILE B 446 -33.25 -0.74 -20.02
N TYR B 447 -33.78 -1.07 -21.18
CA TYR B 447 -33.67 -0.23 -22.36
C TYR B 447 -34.68 0.91 -22.30
N VAL B 448 -34.23 2.10 -22.64
CA VAL B 448 -35.12 3.26 -22.72
C VAL B 448 -35.16 3.76 -24.16
N ASP B 449 -36.37 3.88 -24.70
CA ASP B 449 -36.56 4.34 -26.08
C ASP B 449 -36.33 5.84 -26.22
N LYS B 450 -35.07 6.24 -26.28
CA LYS B 450 -34.72 7.62 -26.58
C LYS B 450 -33.31 7.64 -27.17
N ASP B 451 -33.11 8.47 -28.20
CA ASP B 451 -31.85 8.47 -28.92
C ASP B 451 -31.11 9.78 -28.79
N ASP B 452 -29.98 9.87 -29.48
CA ASP B 452 -29.10 11.02 -29.36
C ASP B 452 -29.61 12.27 -30.06
N GLU B 453 -30.79 12.14 -30.67
CA GLU B 453 -31.48 13.31 -31.22
C GLU B 453 -32.60 13.74 -30.27
N GLY B 454 -32.81 12.96 -29.21
CA GLY B 454 -33.83 13.26 -28.23
C GLY B 454 -35.22 12.79 -28.61
N LYS B 455 -35.31 11.84 -29.54
CA LYS B 455 -36.60 11.33 -29.97
C LYS B 455 -36.85 9.93 -29.43
N GLY B 456 -38.12 9.58 -29.28
CA GLY B 456 -38.51 8.27 -28.77
C GLY B 456 -39.64 8.34 -27.77
N THR B 457 -40.23 7.19 -27.45
CA THR B 457 -41.39 7.11 -26.58
C THR B 457 -41.03 7.16 -25.10
N LEU B 458 -39.76 6.91 -24.80
CA LEU B 458 -39.25 6.84 -23.43
C LEU B 458 -39.76 5.62 -22.67
N LYS B 459 -40.45 4.72 -23.35
CA LYS B 459 -40.91 3.50 -22.69
C LYS B 459 -39.73 2.64 -22.26
N ARG B 460 -39.89 1.96 -21.12
CA ARG B 460 -38.87 1.08 -20.60
C ARG B 460 -39.16 -0.35 -21.00
N SER B 461 -38.10 -1.10 -21.31
CA SER B 461 -38.25 -2.52 -21.61
C SER B 461 -37.00 -3.28 -21.18
N PRO B 462 -37.18 -4.45 -20.56
CA PRO B 462 -36.06 -5.26 -20.10
C PRO B 462 -35.20 -5.77 -21.26
N LYS B 463 -33.88 -5.79 -21.04
CA LYS B 463 -32.94 -6.43 -21.95
C LYS B 463 -32.72 -7.85 -21.47
N LEU B 464 -31.94 -8.63 -22.22
CA LEU B 464 -31.60 -9.98 -21.81
C LEU B 464 -30.92 -9.98 -20.44
N SER B 465 -30.18 -8.93 -20.13
CA SER B 465 -29.40 -8.88 -18.91
C SER B 465 -30.28 -8.70 -17.67
N PHE B 466 -31.52 -8.26 -17.90
CA PHE B 466 -32.49 -8.02 -16.84
C PHE B 466 -32.73 -9.30 -16.03
N ASN B 467 -33.20 -10.36 -16.71
CA ASN B 467 -33.45 -11.63 -16.02
C ASN B 467 -32.16 -12.28 -15.51
N TRP B 468 -31.07 -12.04 -16.22
CA TRP B 468 -29.77 -12.57 -15.80
C TRP B 468 -29.39 -12.01 -14.44
N TYR B 469 -29.53 -10.70 -14.28
CA TYR B 469 -29.13 -10.07 -13.04
C TYR B 469 -30.10 -10.43 -11.93
N LYS B 470 -31.39 -10.60 -12.28
CA LYS B 470 -32.36 -11.07 -11.31
C LYS B 470 -31.91 -12.40 -10.72
N GLU B 471 -31.41 -13.30 -11.57
CA GLU B 471 -30.94 -14.60 -11.11
C GLU B 471 -29.64 -14.50 -10.31
N VAL B 472 -28.77 -13.57 -10.68
CA VAL B 472 -27.56 -13.32 -9.90
C VAL B 472 -27.91 -12.94 -8.45
N ILE B 473 -28.80 -11.97 -8.28
CA ILE B 473 -29.20 -11.54 -6.95
C ILE B 473 -29.89 -12.68 -6.18
N ALA B 474 -30.80 -13.38 -6.85
CA ALA B 474 -31.55 -14.47 -6.22
C ALA B 474 -30.64 -15.59 -5.70
N SER B 475 -29.53 -15.82 -6.40
CA SER B 475 -28.58 -16.86 -6.01
C SER B 475 -27.42 -16.28 -5.20
N ASN B 476 -27.46 -14.98 -4.94
CA ASN B 476 -26.38 -14.28 -4.23
C ASN B 476 -25.02 -14.46 -4.91
N GLY B 477 -25.04 -14.51 -6.24
CA GLY B 477 -23.84 -14.60 -7.06
C GLY B 477 -23.23 -15.98 -7.18
N ASP B 478 -23.81 -16.96 -6.51
CA ASP B 478 -23.17 -18.28 -6.37
C ASP B 478 -23.03 -19.12 -7.63
N ASP B 479 -23.65 -18.70 -8.72
CA ASP B 479 -23.59 -19.46 -9.96
C ASP B 479 -22.61 -18.87 -10.98
N ILE B 480 -22.06 -17.70 -10.67
CA ILE B 480 -21.15 -17.02 -11.58
C ILE B 480 -19.78 -17.72 -11.65
S SO4 C . 24.88 -12.23 2.88
O1 SO4 C . 25.85 -12.10 3.97
O2 SO4 C . 25.50 -11.76 1.65
O3 SO4 C . 24.49 -13.63 2.77
O4 SO4 C . 23.70 -11.42 3.19
S SO4 D . 39.97 -17.69 -2.75
O1 SO4 D . 39.69 -18.56 -1.62
O2 SO4 D . 40.98 -16.71 -2.40
O3 SO4 D . 40.45 -18.49 -3.88
O4 SO4 D . 38.75 -16.98 -3.16
S SO4 E . -7.70 -15.42 17.29
O1 SO4 E . -8.57 -16.16 18.21
O2 SO4 E . -6.95 -14.43 18.05
O3 SO4 E . -6.79 -16.35 16.64
O4 SO4 E . -8.51 -14.74 16.28
S SO4 F . -2.58 -15.50 -19.99
O1 SO4 F . -1.74 -14.63 -19.16
O2 SO4 F . -1.92 -15.74 -21.28
O3 SO4 F . -2.80 -16.77 -19.31
O4 SO4 F . -3.87 -14.84 -20.22
S SO4 G . -6.48 -17.96 -13.94
O1 SO4 G . -6.40 -19.19 -13.16
O2 SO4 G . -5.13 -17.53 -14.30
O3 SO4 G . -7.24 -18.21 -15.16
O4 SO4 G . -7.14 -16.92 -13.17
S SO4 H . 2.31 -17.68 26.87
O1 SO4 H . 2.05 -19.03 27.37
O2 SO4 H . 3.20 -17.74 25.72
O3 SO4 H . 1.06 -17.05 26.47
O4 SO4 H . 2.94 -16.89 27.93
S SO4 I . 17.47 -3.16 37.09
O1 SO4 I . 18.63 -4.04 37.26
O2 SO4 I . 17.92 -1.77 37.02
O3 SO4 I . 16.80 -3.49 35.83
O4 SO4 I . 16.54 -3.33 38.20
C1 PEG J . 17.52 10.70 13.12
O1 PEG J . 17.00 11.08 14.38
C2 PEG J . 16.92 11.58 12.02
O2 PEG J . 15.59 11.18 11.72
C3 PEG J . 14.93 11.72 10.57
C4 PEG J . 13.45 11.28 10.58
O4 PEG J . 12.78 12.00 11.57
C1 PEG K . 11.33 -11.83 -17.95
O1 PEG K . 12.16 -12.33 -16.93
C2 PEG K . 10.81 -10.43 -17.55
O2 PEG K . 10.18 -9.82 -18.66
C3 PEG K . 9.04 -10.44 -19.23
C4 PEG K . 8.87 -9.98 -20.69
O4 PEG K . 7.73 -10.58 -21.25
C1 PEG L . 18.30 -14.46 -2.50
O1 PEG L . 18.39 -13.72 -1.31
C2 PEG L . 16.85 -14.91 -2.71
O2 PEG L . 16.72 -15.53 -3.99
C3 PEG L . 15.47 -16.03 -4.41
C4 PEG L . 15.58 -17.54 -4.73
O4 PEG L . 15.79 -18.27 -3.55
C1 PEG M . -11.27 -20.31 0.84
O1 PEG M . -10.25 -19.38 1.09
C2 PEG M . -11.72 -20.19 -0.63
O2 PEG M . -11.12 -21.21 -1.42
C3 PEG M . -11.80 -22.44 -1.59
C4 PEG M . -10.96 -23.37 -2.50
O4 PEG M . -10.23 -24.27 -1.72
C1 PEG N . 25.61 -16.89 35.37
O1 PEG N . 24.27 -17.11 35.72
C2 PEG N . 26.17 -15.70 36.19
O2 PEG N . 27.03 -14.91 35.40
C3 PEG N . 28.23 -15.47 34.88
C4 PEG N . 29.32 -14.37 34.79
O4 PEG N . 30.10 -14.58 33.64
C1 PEG O . 23.83 -12.99 -14.71
O1 PEG O . 24.14 -11.90 -13.87
C2 PEG O . 22.54 -13.66 -14.26
O2 PEG O . 22.64 -15.07 -14.46
C3 PEG O . 21.48 -15.87 -14.37
C4 PEG O . 21.85 -17.36 -14.22
O4 PEG O . 21.28 -18.09 -15.27
C FMT P . 29.94 -14.89 27.02
O1 FMT P . 30.52 -13.94 26.52
O2 FMT P . 28.95 -14.83 27.73
C FMT Q . -2.26 0.50 16.90
O1 FMT Q . -2.53 -0.50 17.57
O2 FMT Q . -1.20 0.68 16.32
C FMT R . 37.18 -9.31 26.13
O1 FMT R . 37.67 -8.31 25.61
O2 FMT R . 36.55 -9.32 27.18
C FMT S . 15.69 -16.19 -10.90
O1 FMT S . 16.27 -17.25 -10.63
O2 FMT S . 16.20 -15.08 -10.76
C FMT T . 25.99 7.04 -8.52
O1 FMT T . 25.03 7.13 -9.30
O2 FMT T . 26.87 6.19 -8.59
C FMT U . 27.26 -1.20 -9.44
O1 FMT U . 28.49 -1.23 -9.45
O2 FMT U . 26.58 -0.17 -9.34
C FMT V . 5.79 -24.97 -13.75
O1 FMT V . 4.76 -24.78 -14.40
O2 FMT V . 5.95 -25.95 -13.03
S SO4 W . -19.71 7.40 -18.82
O1 SO4 W . -19.14 7.08 -17.51
O2 SO4 W . -18.95 8.49 -19.42
O3 SO4 W . -19.64 6.23 -19.69
O4 SO4 W . -21.09 7.83 -18.62
S SO4 X . -9.43 22.39 19.32
O1 SO4 X . -9.66 21.93 20.68
O2 SO4 X . -8.31 23.33 19.30
O3 SO4 X . -9.10 21.24 18.47
O4 SO4 X . -10.62 23.04 18.81
S SO4 Y . -27.48 6.25 -33.52
O1 SO4 Y . -26.86 5.27 -32.64
O2 SO4 Y . -26.45 7.16 -34.03
O3 SO4 Y . -28.11 5.56 -34.64
O4 SO4 Y . -28.48 7.01 -32.79
C1 PEG Z . -1.24 23.71 10.70
O1 PEG Z . -0.21 23.45 11.65
C2 PEG Z . -0.64 24.28 9.40
O2 PEG Z . -1.17 23.60 8.27
C3 PEG Z . -0.59 23.82 6.98
C4 PEG Z . -0.70 22.55 6.11
O4 PEG Z . 0.43 22.45 5.28
C1 PEG AA . -23.85 -5.26 3.92
O1 PEG AA . -24.09 -5.06 5.29
C2 PEG AA . -22.92 -6.46 3.74
O2 PEG AA . -21.65 -6.17 4.31
C3 PEG AA . -20.62 -7.16 4.28
C4 PEG AA . -19.24 -6.49 4.53
O4 PEG AA . -19.25 -5.81 5.76
C1 PEG BA . -11.40 8.02 -17.74
O1 PEG BA . -12.26 8.85 -17.00
C2 PEG BA . -11.97 7.82 -19.15
O2 PEG BA . -10.92 7.65 -20.10
C3 PEG BA . -10.94 6.51 -20.95
C4 PEG BA . -10.08 6.77 -22.20
O4 PEG BA . -9.58 5.55 -22.70
C1 PEG CA . -9.10 9.43 13.58
O1 PEG CA . -8.44 9.26 14.81
C2 PEG CA . -8.21 8.95 12.42
O2 PEG CA . -8.84 7.88 11.74
C3 PEG CA . -8.07 6.81 11.20
C4 PEG CA . -8.85 5.49 11.31
O4 PEG CA . -8.66 4.91 12.58
C1 PEG DA . -18.73 -5.07 -28.41
O1 PEG DA . -19.99 -4.85 -27.82
C2 PEG DA . -17.63 -4.31 -27.63
O2 PEG DA . -16.39 -4.97 -27.79
C3 PEG DA . -15.38 -4.85 -26.79
C4 PEG DA . -14.37 -6.02 -26.87
O4 PEG DA . -14.86 -7.12 -26.15
C1 PEG EA . -34.81 -7.42 1.70
O1 PEG EA . -33.79 -8.36 1.93
C2 PEG EA . -34.66 -6.81 0.29
O2 PEG EA . -35.17 -7.72 -0.68
C3 PEG EA . -36.15 -7.26 -1.62
C4 PEG EA . -35.72 -5.87 -2.16
O4 PEG EA . -36.30 -5.64 -3.42
C FMT FA . -15.16 11.55 -25.15
O1 FMT FA . -14.35 11.21 -26.02
O2 FMT FA . -15.66 12.67 -25.08
C FMT GA . 0.29 -9.59 -25.89
O1 FMT GA . -0.24 -10.67 -26.14
O2 FMT GA . 1.48 -9.34 -26.09
C FMT HA . -18.64 4.09 -30.79
O1 FMT HA . -19.18 3.24 -31.49
O2 FMT HA . -17.42 4.21 -30.69
#